data_5MZC
#
_entry.id   5MZC
#
_cell.length_a   69.480
_cell.length_b   53.310
_cell.length_c   135.840
_cell.angle_alpha   90.00
_cell.angle_beta   104.50
_cell.angle_gamma   90.00
#
_symmetry.space_group_name_H-M   'P 1 21 1'
#
loop_
_entity.id
_entity.type
_entity.pdbx_description
1 polymer 'Kynurenine 3-monooxygenase'
2 non-polymer 'FLAVIN-ADENINE DINUCLEOTIDE'
3 non-polymer 'CHLORIDE ION'
4 non-polymer '3-(5-chloranyl-6-ethoxy-2-oxidanylidene-1,3-benzoxazol-3-yl)propanoic acid'
5 non-polymer GLYCEROL
6 water water
#
_entity_poly.entity_id   1
_entity_poly.type   'polypeptide(L)'
_entity_poly.pdbx_seq_one_letter_code
;MTATDNARQVTIIGAGLAGTLVARLLARNGWQVNLFERRPDPRIETGARGRSINLALAERGAHALRLAGLEREVLAEAVM
MRGRMVHVPGTPPNLQPYGRDDSEVIWSINRDRLNRILLDGAEAAGASIHFNLGLDSVDFARQRLTLSNVSGERLEKRFH
LLIGADGCNSAVRQAMASVVDLGEHLETQPHGYKELQITPEASAQFNLEPNALHIWPHGDYMCIALPNLDRSFTVTLFLH
HQSPAAQPASPSFAQLVDGHAARRFFQRQFPDLSPMLDSLEQDFEHHPTGKLATLRLTTWHVGGQAVLLGDAAHPMVPFH
GQGMNCALEDAVALAEHLQSAADNASALAAFTAQRQPDALAIQAMALENYVEMSSKVASPTYLLERELGQIMAQRQPTRF
IPRYSMVTFSRLPYAQAMARGQIQEQLLKFAVANHSDLTSINLDAVEHEVTRCLPPLSHLS
;
_entity_poly.pdbx_strand_id   A,B
#
loop_
_chem_comp.id
_chem_comp.type
_chem_comp.name
_chem_comp.formula
8EQ non-polymer '3-(5-chloranyl-6-ethoxy-2-oxidanylidene-1,3-benzoxazol-3-yl)propanoic acid' 'C12 H12 Cl N O5'
CL non-polymer 'CHLORIDE ION' 'Cl -1'
FAD non-polymer 'FLAVIN-ADENINE DINUCLEOTIDE' 'C27 H33 N9 O15 P2'
GOL non-polymer GLYCEROL 'C3 H8 O3'
#
# COMPACT_ATOMS: atom_id res chain seq x y z
N ALA A 7 10.74 47.73 14.31
CA ALA A 7 10.01 46.51 14.70
C ALA A 7 8.84 46.22 13.76
N ARG A 8 8.83 45.00 13.21
CA ARG A 8 7.79 44.50 12.32
C ARG A 8 6.45 44.42 13.05
N GLN A 9 5.37 44.82 12.39
CA GLN A 9 4.04 44.88 12.99
C GLN A 9 3.11 43.79 12.48
N VAL A 10 2.23 43.32 13.38
CA VAL A 10 1.26 42.29 13.03
C VAL A 10 -0.02 42.44 13.84
N THR A 11 -1.16 42.22 13.17
CA THR A 11 -2.48 42.20 13.77
C THR A 11 -2.98 40.77 13.66
N ILE A 12 -3.38 40.21 14.79
CA ILE A 12 -3.90 38.83 14.85
C ILE A 12 -5.36 38.84 15.24
N ILE A 13 -6.18 38.12 14.49
CA ILE A 13 -7.60 38.04 14.80
C ILE A 13 -7.87 36.69 15.39
N GLY A 14 -8.31 36.68 16.64
CA GLY A 14 -8.65 35.45 17.34
C GLY A 14 -7.61 35.03 18.35
N ALA A 15 -7.96 35.22 19.63
CA ALA A 15 -7.08 34.85 20.74
C ALA A 15 -7.47 33.44 21.20
N GLY A 16 -7.50 32.49 20.24
CA GLY A 16 -7.79 31.09 20.52
C GLY A 16 -6.47 30.36 20.75
N LEU A 17 -6.33 29.16 20.19
CA LEU A 17 -5.12 28.41 20.45
C LEU A 17 -3.98 28.79 19.53
N ALA A 18 -4.25 28.85 18.22
CA ALA A 18 -3.25 29.22 17.22
C ALA A 18 -2.84 30.71 17.35
N GLY A 19 -3.84 31.58 17.46
CA GLY A 19 -3.64 33.03 17.57
C GLY A 19 -2.76 33.45 18.73
N THR A 20 -3.02 32.89 19.91
CA THR A 20 -2.24 33.22 21.13
CA THR A 20 -2.26 33.25 21.11
C THR A 20 -0.83 32.69 21.04
N LEU A 21 -0.67 31.46 20.53
CA LEU A 21 0.68 30.91 20.42
C LEU A 21 1.52 31.70 19.43
N VAL A 22 0.96 32.03 18.25
CA VAL A 22 1.73 32.80 17.27
C VAL A 22 2.02 34.23 17.83
N ALA A 23 1.08 34.80 18.63
CA ALA A 23 1.27 36.12 19.26
C ALA A 23 2.49 36.06 20.19
N ARG A 24 2.62 35.00 21.02
CA ARG A 24 3.78 34.86 21.91
C ARG A 24 5.11 34.69 21.14
N LEU A 25 5.12 33.80 20.12
CA LEU A 25 6.33 33.53 19.34
C LEU A 25 6.83 34.77 18.62
N LEU A 26 5.92 35.54 18.01
CA LEU A 26 6.29 36.78 17.32
C LEU A 26 6.70 37.87 18.30
N ALA A 27 5.89 38.10 19.37
CA ALA A 27 6.21 39.17 20.35
C ALA A 27 7.57 38.94 21.02
N ARG A 28 7.92 37.69 21.33
CA ARG A 28 9.21 37.44 21.99
C ARG A 28 10.41 37.63 21.02
N ASN A 29 10.13 37.62 19.71
CA ASN A 29 11.11 37.92 18.66
C ASN A 29 11.09 39.42 18.31
N GLY A 30 10.43 40.23 19.14
CA GLY A 30 10.42 41.68 18.97
C GLY A 30 9.39 42.27 18.01
N TRP A 31 8.43 41.47 17.51
CA TRP A 31 7.36 42.04 16.68
C TRP A 31 6.42 42.84 17.58
N GLN A 32 5.77 43.86 17.01
CA GLN A 32 4.77 44.64 17.73
C GLN A 32 3.48 43.88 17.38
N VAL A 33 2.91 43.21 18.38
CA VAL A 33 1.74 42.35 18.20
C VAL A 33 0.47 42.94 18.84
N ASN A 34 -0.60 43.06 18.04
CA ASN A 34 -1.94 43.43 18.53
C ASN A 34 -2.85 42.26 18.19
N LEU A 35 -3.50 41.72 19.19
CA LEU A 35 -4.37 40.54 19.07
C LEU A 35 -5.81 40.94 19.45
N PHE A 36 -6.76 40.71 18.53
CA PHE A 36 -8.16 41.05 18.71
C PHE A 36 -9.01 39.81 18.92
N GLU A 37 -9.79 39.79 20.00
CA GLU A 37 -10.64 38.65 20.35
C GLU A 37 -12.11 39.09 20.53
N ARG A 38 -13.05 38.39 19.90
CA ARG A 38 -14.47 38.73 20.01
C ARG A 38 -15.04 38.49 21.44
N ARG A 39 -14.62 37.41 22.06
CA ARG A 39 -15.12 37.03 23.40
C ARG A 39 -14.54 37.92 24.49
N PRO A 40 -15.10 37.88 25.73
CA PRO A 40 -14.46 38.62 26.84
C PRO A 40 -13.20 37.87 27.25
N ASP A 41 -12.35 38.51 28.04
CA ASP A 41 -11.14 37.86 28.58
C ASP A 41 -11.58 36.75 29.57
N PRO A 42 -11.29 35.45 29.28
CA PRO A 42 -11.71 34.39 30.22
C PRO A 42 -10.97 34.42 31.55
N ARG A 43 -9.86 35.20 31.65
CA ARG A 43 -9.09 35.33 32.90
C ARG A 43 -9.79 36.29 33.86
N ILE A 44 -10.79 37.06 33.38
CA ILE A 44 -11.53 37.97 34.25
C ILE A 44 -12.66 37.11 34.86
N GLU A 45 -12.50 36.71 36.13
CA GLU A 45 -13.47 35.91 36.86
C GLU A 45 -14.81 36.61 36.99
N THR A 46 -15.89 35.91 36.60
CA THR A 46 -17.25 36.43 36.71
C THR A 46 -18.05 35.43 37.54
N GLY A 47 -19.33 35.69 37.73
CA GLY A 47 -20.17 34.76 38.47
C GLY A 47 -20.91 33.80 37.55
N ALA A 48 -20.49 33.70 36.27
CA ALA A 48 -21.10 32.83 35.25
C ALA A 48 -20.76 31.37 35.50
N ARG A 49 -21.74 30.49 35.25
CA ARG A 49 -21.60 29.05 35.44
C ARG A 49 -21.20 28.39 34.12
N GLY A 50 -19.89 28.38 33.86
CA GLY A 50 -19.31 27.77 32.65
C GLY A 50 -19.17 26.26 32.76
N ARG A 51 -18.78 25.60 31.65
CA ARG A 51 -18.60 24.14 31.65
C ARG A 51 -17.24 23.71 31.08
N SER A 52 -16.72 22.60 31.64
CA SER A 52 -15.43 22.03 31.28
C SER A 52 -15.46 21.20 29.99
N ILE A 53 -14.76 21.67 28.94
CA ILE A 53 -14.62 20.86 27.74
C ILE A 53 -13.11 20.58 27.57
N ASN A 54 -12.77 19.31 27.40
CA ASN A 54 -11.39 18.87 27.25
C ASN A 54 -11.06 18.47 25.86
N LEU A 55 -9.77 18.54 25.57
CA LEU A 55 -9.17 18.20 24.28
C LEU A 55 -7.99 17.30 24.57
N ALA A 56 -7.64 16.46 23.58
CA ALA A 56 -6.48 15.59 23.66
C ALA A 56 -5.26 16.32 23.05
N LEU A 57 -4.26 16.58 23.88
CA LEU A 57 -3.01 17.19 23.50
C LEU A 57 -2.03 16.05 23.21
N ALA A 58 -1.44 16.06 22.03
CA ALA A 58 -0.49 15.02 21.59
C ALA A 58 0.88 15.63 21.30
N GLU A 59 1.84 14.85 20.79
CA GLU A 59 3.23 15.36 20.61
C GLU A 59 3.35 16.66 19.76
N ARG A 60 2.56 16.82 18.70
CA ARG A 60 2.64 18.03 17.87
C ARG A 60 2.29 19.29 18.67
N GLY A 61 1.18 19.23 19.41
CA GLY A 61 0.78 20.36 20.27
C GLY A 61 1.75 20.56 21.42
N ALA A 62 2.17 19.47 22.08
CA ALA A 62 3.09 19.55 23.23
C ALA A 62 4.45 20.14 22.83
N HIS A 63 4.98 19.71 21.65
CA HIS A 63 6.23 20.24 21.13
C HIS A 63 6.11 21.76 20.83
N ALA A 64 4.98 22.19 20.25
CA ALA A 64 4.75 23.60 20.00
C ALA A 64 4.78 24.38 21.33
N LEU A 65 4.09 23.86 22.37
CA LEU A 65 4.09 24.49 23.68
C LEU A 65 5.50 24.48 24.31
N ARG A 66 6.26 23.40 24.07
CA ARG A 66 7.65 23.23 24.53
C ARG A 66 8.55 24.34 23.94
N LEU A 67 8.48 24.58 22.62
CA LEU A 67 9.25 25.63 21.94
C LEU A 67 8.89 27.00 22.54
N ALA A 68 7.60 27.19 22.92
CA ALA A 68 7.08 28.43 23.52
C ALA A 68 7.41 28.58 25.01
N GLY A 69 7.93 27.54 25.65
CA GLY A 69 8.24 27.55 27.08
C GLY A 69 7.00 27.42 27.97
N LEU A 70 5.92 26.83 27.47
CA LEU A 70 4.66 26.71 28.22
C LEU A 70 4.23 25.27 28.51
N GLU A 71 4.96 24.28 27.99
CA GLU A 71 4.56 22.87 28.12
C GLU A 71 4.40 22.40 29.58
N ARG A 72 5.36 22.73 30.44
CA ARG A 72 5.36 22.31 31.83
C ARG A 72 4.10 22.81 32.53
N GLU A 73 3.77 24.10 32.35
CA GLU A 73 2.59 24.72 32.93
C GLU A 73 1.29 24.02 32.46
N VAL A 74 1.20 23.74 31.14
CA VAL A 74 0.03 23.07 30.55
C VAL A 74 -0.10 21.62 31.06
N LEU A 75 1.01 20.85 31.05
CA LEU A 75 0.96 19.46 31.50
C LEU A 75 0.68 19.29 32.99
N ALA A 76 1.00 20.31 33.81
CA ALA A 76 0.76 20.25 35.26
C ALA A 76 -0.72 20.06 35.54
N GLU A 77 -1.60 20.48 34.60
CA GLU A 77 -3.02 20.30 34.79
C GLU A 77 -3.64 19.32 33.76
N ALA A 78 -2.80 18.49 33.13
CA ALA A 78 -3.27 17.51 32.15
C ALA A 78 -3.34 16.09 32.72
N VAL A 79 -4.39 15.35 32.31
CA VAL A 79 -4.55 13.97 32.74
C VAL A 79 -3.97 13.06 31.67
N MET A 80 -3.09 12.15 32.06
CA MET A 80 -2.52 11.18 31.11
C MET A 80 -3.61 10.22 30.58
N MET A 81 -3.62 9.97 29.27
CA MET A 81 -4.50 8.96 28.66
C MET A 81 -3.58 7.95 27.98
N ARG A 82 -3.39 6.81 28.65
CA ARG A 82 -2.46 5.76 28.21
C ARG A 82 -2.95 4.97 27.00
N GLY A 83 -4.25 4.87 26.88
CA GLY A 83 -4.85 4.08 25.82
C GLY A 83 -6.32 4.34 25.67
N ARG A 84 -6.90 3.59 24.75
CA ARG A 84 -8.30 3.58 24.38
C ARG A 84 -9.01 2.51 25.24
N MET A 85 -10.03 2.92 26.01
CA MET A 85 -10.83 1.97 26.79
C MET A 85 -12.14 1.75 26.03
N VAL A 86 -12.28 0.60 25.38
CA VAL A 86 -13.44 0.27 24.55
C VAL A 86 -14.52 -0.40 25.38
N HIS A 87 -15.74 0.13 25.32
CA HIS A 87 -16.86 -0.39 26.08
C HIS A 87 -17.91 -1.02 25.17
N VAL A 88 -18.11 -2.34 25.33
CA VAL A 88 -19.16 -3.08 24.63
C VAL A 88 -19.97 -3.84 25.70
N PRO A 89 -21.33 -3.65 25.78
CA PRO A 89 -22.11 -4.34 26.82
C PRO A 89 -21.92 -5.86 26.80
N GLY A 90 -21.78 -6.42 27.99
CA GLY A 90 -21.57 -7.85 28.21
C GLY A 90 -20.15 -8.20 28.59
N THR A 91 -19.15 -7.58 27.89
CA THR A 91 -17.72 -7.83 28.16
C THR A 91 -17.08 -6.74 28.98
N PRO A 92 -16.01 -7.05 29.79
CA PRO A 92 -15.36 -6.01 30.58
C PRO A 92 -14.68 -5.00 29.66
N PRO A 93 -14.50 -3.74 30.10
CA PRO A 93 -13.85 -2.75 29.22
C PRO A 93 -12.43 -3.19 28.84
N ASN A 94 -12.10 -3.08 27.54
CA ASN A 94 -10.80 -3.50 27.01
C ASN A 94 -9.88 -2.30 26.73
N LEU A 95 -8.74 -2.25 27.43
CA LEU A 95 -7.74 -1.18 27.24
C LEU A 95 -6.77 -1.54 26.14
N GLN A 96 -6.74 -0.70 25.10
CA GLN A 96 -5.82 -0.82 23.98
C GLN A 96 -4.78 0.32 24.15
N PRO A 97 -3.59 0.01 24.73
CA PRO A 97 -2.56 1.06 24.89
C PRO A 97 -2.19 1.74 23.58
N TYR A 98 -2.00 3.07 23.62
CA TYR A 98 -1.71 3.85 22.42
C TYR A 98 -0.26 3.67 21.97
N GLY A 99 0.63 3.47 22.94
CA GLY A 99 2.07 3.38 22.69
C GLY A 99 2.79 2.29 23.44
N ARG A 100 4.13 2.34 23.41
CA ARG A 100 5.03 1.33 23.96
C ARG A 100 5.29 1.47 25.45
N ASP A 101 5.19 2.70 25.98
CA ASP A 101 5.39 3.00 27.42
C ASP A 101 4.66 4.32 27.77
N ASP A 102 4.84 4.85 29.00
CA ASP A 102 4.17 6.09 29.39
C ASP A 102 4.75 7.38 28.76
N SER A 103 5.75 7.26 27.86
CA SER A 103 6.25 8.45 27.15
C SER A 103 5.36 8.68 25.92
N GLU A 104 4.65 7.62 25.48
CA GLU A 104 3.75 7.63 24.32
C GLU A 104 2.32 7.57 24.80
N VAL A 105 1.85 8.75 25.23
CA VAL A 105 0.50 8.94 25.77
C VAL A 105 -0.07 10.23 25.22
N ILE A 106 -1.37 10.43 25.39
CA ILE A 106 -1.98 11.71 25.03
C ILE A 106 -2.47 12.33 26.33
N TRP A 107 -2.66 13.64 26.32
CA TRP A 107 -3.00 14.40 27.51
C TRP A 107 -4.37 15.04 27.39
N SER A 108 -5.20 14.84 28.41
CA SER A 108 -6.51 15.47 28.43
C SER A 108 -6.34 16.81 29.20
N ILE A 109 -6.62 17.93 28.50
CA ILE A 109 -6.47 19.29 29.05
C ILE A 109 -7.76 20.03 28.90
N ASN A 110 -8.07 20.85 29.89
CA ASN A 110 -9.24 21.72 29.87
C ASN A 110 -8.94 22.86 28.91
N ARG A 111 -9.82 23.03 27.92
CA ARG A 111 -9.61 24.04 26.88
C ARG A 111 -9.47 25.48 27.43
N ASP A 112 -10.33 25.85 28.39
CA ASP A 112 -10.33 27.20 28.99
C ASP A 112 -9.01 27.45 29.71
N ARG A 113 -8.54 26.45 30.53
CA ARG A 113 -7.27 26.53 31.25
C ARG A 113 -6.12 26.72 30.26
N LEU A 114 -6.08 25.91 29.17
CA LEU A 114 -5.05 26.05 28.14
C LEU A 114 -5.09 27.47 27.55
N ASN A 115 -6.28 27.95 27.19
CA ASN A 115 -6.42 29.28 26.61
CA ASN A 115 -6.40 29.30 26.61
C ASN A 115 -5.91 30.39 27.56
N ARG A 116 -6.19 30.26 28.85
CA ARG A 116 -5.75 31.25 29.87
C ARG A 116 -4.22 31.26 29.99
N ILE A 117 -3.57 30.05 29.97
CA ILE A 117 -2.10 29.93 30.03
C ILE A 117 -1.49 30.62 28.78
N LEU A 118 -2.11 30.42 27.62
CA LEU A 118 -1.64 30.96 26.34
C LEU A 118 -1.77 32.48 26.35
N LEU A 119 -2.90 32.99 26.89
CA LEU A 119 -3.12 34.45 27.00
C LEU A 119 -2.06 35.10 27.87
N ASP A 120 -1.80 34.50 29.04
CA ASP A 120 -0.75 34.98 29.95
C ASP A 120 0.63 34.97 29.22
N GLY A 121 0.88 33.89 28.48
CA GLY A 121 2.12 33.73 27.72
C GLY A 121 2.32 34.79 26.66
N ALA A 122 1.26 35.10 25.89
CA ALA A 122 1.34 36.10 24.82
C ALA A 122 1.59 37.48 25.45
N GLU A 123 0.92 37.77 26.55
CA GLU A 123 1.13 39.05 27.25
C GLU A 123 2.54 39.19 27.88
N ALA A 124 3.05 38.11 28.48
CA ALA A 124 4.39 38.08 29.07
C ALA A 124 5.49 38.39 28.01
N ALA A 125 5.28 37.94 26.74
CA ALA A 125 6.17 38.17 25.61
C ALA A 125 6.06 39.59 25.02
N GLY A 126 5.04 40.35 25.44
CA GLY A 126 4.84 41.72 25.01
C GLY A 126 3.68 41.97 24.05
N ALA A 127 2.88 40.95 23.72
CA ALA A 127 1.70 41.18 22.84
C ALA A 127 0.60 41.96 23.59
N SER A 128 -0.15 42.79 22.88
CA SER A 128 -1.30 43.51 23.44
C SER A 128 -2.56 42.78 22.97
N ILE A 129 -3.40 42.35 23.93
CA ILE A 129 -4.64 41.64 23.63
C ILE A 129 -5.87 42.53 23.92
N HIS A 130 -6.75 42.64 22.94
CA HIS A 130 -7.95 43.49 22.98
C HIS A 130 -9.17 42.57 22.83
N PHE A 131 -9.93 42.41 23.92
CA PHE A 131 -11.10 41.55 23.98
C PHE A 131 -12.37 42.29 23.63
N ASN A 132 -13.51 41.55 23.49
CA ASN A 132 -14.84 42.16 23.18
C ASN A 132 -14.83 42.94 21.86
N LEU A 133 -13.99 42.51 20.91
CA LEU A 133 -13.89 43.12 19.59
C LEU A 133 -13.84 42.04 18.51
N GLY A 134 -14.95 41.90 17.80
CA GLY A 134 -15.06 40.94 16.71
C GLY A 134 -14.81 41.61 15.37
N LEU A 135 -13.92 41.01 14.55
CA LEU A 135 -13.67 41.52 13.20
C LEU A 135 -14.94 41.36 12.36
N ASP A 136 -15.34 42.43 11.68
CA ASP A 136 -16.53 42.47 10.81
C ASP A 136 -16.16 42.49 9.35
N SER A 137 -15.14 43.28 8.99
CA SER A 137 -14.74 43.46 7.59
C SER A 137 -13.32 43.95 7.48
N VAL A 138 -12.72 43.74 6.30
CA VAL A 138 -11.37 44.17 5.97
C VAL A 138 -11.43 44.91 4.64
N ASP A 139 -10.75 46.05 4.56
CA ASP A 139 -10.58 46.80 3.32
C ASP A 139 -9.10 46.58 2.99
N PHE A 140 -8.82 45.60 2.11
CA PHE A 140 -7.45 45.27 1.75
C PHE A 140 -6.68 46.41 1.05
N ALA A 141 -7.37 47.16 0.15
CA ALA A 141 -6.74 48.25 -0.60
C ALA A 141 -6.36 49.43 0.33
N ARG A 142 -7.21 49.74 1.32
CA ARG A 142 -6.93 50.84 2.22
C ARG A 142 -6.19 50.38 3.48
N GLN A 143 -6.03 49.06 3.68
CA GLN A 143 -5.30 48.46 4.81
C GLN A 143 -5.95 48.83 6.14
N ARG A 144 -7.26 48.78 6.14
CA ARG A 144 -8.03 49.07 7.34
C ARG A 144 -8.97 47.91 7.59
N LEU A 145 -9.30 47.73 8.84
CA LEU A 145 -10.27 46.73 9.20
C LEU A 145 -11.30 47.33 10.15
N THR A 146 -12.45 46.69 10.25
CA THR A 146 -13.53 47.16 11.11
C THR A 146 -13.84 46.08 12.13
N LEU A 147 -13.85 46.49 13.39
CA LEU A 147 -14.18 45.62 14.51
C LEU A 147 -15.39 46.19 15.23
N SER A 148 -16.10 45.36 15.99
CA SER A 148 -17.22 45.83 16.80
C SER A 148 -17.48 44.95 18.01
N ASN A 149 -18.06 45.52 19.07
CA ASN A 149 -18.45 44.69 20.23
C ASN A 149 -19.82 44.02 19.90
N VAL A 150 -20.41 43.31 20.87
CA VAL A 150 -21.68 42.59 20.68
C VAL A 150 -22.84 43.55 20.28
N SER A 151 -22.81 44.80 20.81
CA SER A 151 -23.77 45.89 20.54
C SER A 151 -23.58 46.52 19.15
N GLY A 152 -22.53 46.17 18.44
CA GLY A 152 -22.28 46.72 17.12
C GLY A 152 -21.58 48.07 17.08
N GLU A 153 -21.06 48.55 18.24
CA GLU A 153 -20.28 49.80 18.28
C GLU A 153 -18.94 49.54 17.54
N ARG A 154 -18.68 50.26 16.45
CA ARG A 154 -17.54 50.03 15.56
C ARG A 154 -16.25 50.73 15.96
N LEU A 155 -15.15 50.07 15.59
CA LEU A 155 -13.81 50.54 15.78
C LEU A 155 -13.02 50.18 14.52
N GLU A 156 -12.42 51.19 13.90
CA GLU A 156 -11.61 51.00 12.68
C GLU A 156 -10.14 51.06 13.06
N LYS A 157 -9.32 50.16 12.47
CA LYS A 157 -7.88 50.11 12.73
C LYS A 157 -7.12 49.89 11.44
N ARG A 158 -5.95 50.48 11.36
CA ARG A 158 -5.05 50.28 10.24
C ARG A 158 -4.32 48.96 10.53
N PHE A 159 -3.91 48.23 9.48
CA PHE A 159 -3.09 47.03 9.67
C PHE A 159 -1.98 46.95 8.61
N HIS A 160 -0.90 46.23 8.90
CA HIS A 160 0.21 45.99 7.99
C HIS A 160 0.18 44.52 7.56
N LEU A 161 0.09 43.61 8.52
CA LEU A 161 -0.01 42.18 8.29
C LEU A 161 -1.18 41.67 9.14
N LEU A 162 -2.07 40.92 8.51
CA LEU A 162 -3.25 40.39 9.17
C LEU A 162 -3.19 38.86 9.25
N ILE A 163 -3.25 38.31 10.47
CA ILE A 163 -3.28 36.85 10.68
C ILE A 163 -4.70 36.45 11.12
N GLY A 164 -5.32 35.61 10.32
CA GLY A 164 -6.61 35.05 10.63
C GLY A 164 -6.47 33.77 11.44
N ALA A 165 -6.55 33.88 12.78
CA ALA A 165 -6.51 32.75 13.69
C ALA A 165 -7.91 32.70 14.38
N ASP A 166 -8.95 33.01 13.59
CA ASP A 166 -10.29 33.20 14.11
C ASP A 166 -11.27 32.02 13.92
N GLY A 167 -10.75 30.80 13.87
CA GLY A 167 -11.57 29.60 13.91
C GLY A 167 -12.30 29.20 12.66
N CYS A 168 -13.08 28.10 12.78
CA CYS A 168 -13.74 27.47 11.66
C CYS A 168 -14.71 28.41 10.90
N ASN A 169 -15.27 29.43 11.57
CA ASN A 169 -16.15 30.42 10.91
C ASN A 169 -15.46 31.78 10.75
N SER A 170 -14.14 31.73 10.46
CA SER A 170 -13.23 32.86 10.24
C SER A 170 -13.81 34.05 9.44
N ALA A 171 -13.82 35.23 10.08
CA ALA A 171 -14.19 36.51 9.45
C ALA A 171 -13.05 36.95 8.51
N VAL A 172 -11.80 36.62 8.86
CA VAL A 172 -10.65 36.93 7.99
C VAL A 172 -10.81 36.16 6.66
N ARG A 173 -11.14 34.85 6.75
CA ARG A 173 -11.34 34.02 5.56
C ARG A 173 -12.48 34.60 4.69
N GLN A 174 -13.61 35.02 5.32
CA GLN A 174 -14.73 35.63 4.61
C GLN A 174 -14.29 36.91 3.88
N ALA A 175 -13.48 37.75 4.56
CA ALA A 175 -12.98 39.00 3.97
C ALA A 175 -12.03 38.72 2.79
N MET A 176 -11.15 37.69 2.90
CA MET A 176 -10.22 37.31 1.82
C MET A 176 -10.96 36.82 0.57
N ALA A 177 -12.00 35.95 0.80
CA ALA A 177 -12.85 35.34 -0.23
C ALA A 177 -13.53 36.39 -1.12
N SER A 178 -13.57 37.66 -0.67
CA SER A 178 -14.14 38.76 -1.45
C SER A 178 -13.12 39.43 -2.41
N VAL A 179 -11.81 39.32 -2.12
CA VAL A 179 -10.76 39.92 -2.96
C VAL A 179 -10.03 38.87 -3.81
N VAL A 180 -10.12 37.58 -3.42
CA VAL A 180 -9.49 36.46 -4.10
C VAL A 180 -10.40 35.22 -4.05
N ASP A 181 -10.37 34.40 -5.10
CA ASP A 181 -11.11 33.13 -5.10
C ASP A 181 -10.26 32.17 -4.28
N LEU A 182 -10.74 31.74 -3.11
CA LEU A 182 -9.95 30.85 -2.24
C LEU A 182 -10.04 29.38 -2.64
N GLY A 183 -10.90 29.07 -3.62
CA GLY A 183 -11.12 27.71 -4.13
C GLY A 183 -11.56 26.81 -3.00
N GLU A 184 -12.54 27.30 -2.20
CA GLU A 184 -13.08 26.68 -0.98
C GLU A 184 -13.99 25.55 -1.32
N HIS A 185 -13.70 24.37 -0.76
CA HIS A 185 -14.52 23.18 -0.97
C HIS A 185 -14.95 22.60 0.37
N LEU A 186 -16.26 22.69 0.63
CA LEU A 186 -16.91 22.27 1.85
C LEU A 186 -17.48 20.88 1.75
N GLU A 187 -17.11 20.02 2.71
CA GLU A 187 -17.63 18.67 2.82
C GLU A 187 -18.32 18.59 4.18
N THR A 188 -19.64 18.65 4.16
CA THR A 188 -20.43 18.58 5.39
C THR A 188 -20.33 17.18 5.96
N GLN A 189 -20.46 17.09 7.28
CA GLN A 189 -20.38 15.81 7.94
C GLN A 189 -21.75 15.52 8.55
N PRO A 190 -22.31 14.30 8.34
CA PRO A 190 -23.67 14.04 8.83
C PRO A 190 -23.83 14.01 10.36
N HIS A 191 -22.75 13.78 11.13
CA HIS A 191 -22.85 13.73 12.60
C HIS A 191 -22.84 15.08 13.25
N GLY A 192 -23.76 15.26 14.17
CA GLY A 192 -23.77 16.39 15.08
C GLY A 192 -23.10 15.87 16.35
N TYR A 193 -22.89 16.72 17.33
CA TYR A 193 -22.32 16.28 18.60
C TYR A 193 -22.98 16.97 19.77
N LYS A 194 -23.05 16.28 20.91
CA LYS A 194 -23.63 16.81 22.13
C LYS A 194 -22.68 16.43 23.30
N GLU A 195 -22.39 17.39 24.17
CA GLU A 195 -21.54 17.18 25.33
C GLU A 195 -22.39 16.92 26.56
N LEU A 196 -22.04 15.88 27.32
CA LEU A 196 -22.75 15.45 28.54
C LEU A 196 -21.72 15.26 29.67
N GLN A 197 -22.16 15.28 30.91
CA GLN A 197 -21.23 15.21 32.04
C GLN A 197 -21.36 13.96 32.90
N ILE A 198 -20.21 13.47 33.40
CA ILE A 198 -20.13 12.41 34.39
C ILE A 198 -19.43 13.08 35.57
N THR A 199 -20.05 13.06 36.74
CA THR A 199 -19.51 13.73 37.92
C THR A 199 -18.35 12.87 38.49
N PRO A 200 -17.49 13.45 39.35
CA PRO A 200 -16.44 12.65 40.01
C PRO A 200 -17.01 11.47 40.83
N GLU A 201 -18.17 11.65 41.52
CA GLU A 201 -18.80 10.60 42.33
C GLU A 201 -19.25 9.43 41.47
N ALA A 202 -19.94 9.75 40.34
CA ALA A 202 -20.45 8.73 39.41
C ALA A 202 -19.31 7.95 38.75
N SER A 203 -18.25 8.64 38.27
CA SER A 203 -17.15 7.93 37.62
C SER A 203 -16.45 6.98 38.62
N ALA A 204 -16.29 7.44 39.90
CA ALA A 204 -15.69 6.59 40.95
C ALA A 204 -16.61 5.40 41.28
N GLN A 205 -17.94 5.65 41.41
CA GLN A 205 -18.92 4.61 41.74
C GLN A 205 -18.90 3.47 40.69
N PHE A 206 -18.79 3.84 39.40
CA PHE A 206 -18.82 2.90 38.30
C PHE A 206 -17.44 2.45 37.84
N ASN A 207 -16.36 2.83 38.58
CA ASN A 207 -14.97 2.43 38.31
C ASN A 207 -14.47 2.82 36.92
N LEU A 208 -14.83 4.03 36.46
CA LEU A 208 -14.39 4.50 35.16
C LEU A 208 -12.93 4.95 35.24
N GLU A 209 -12.04 4.24 34.53
CA GLU A 209 -10.60 4.50 34.50
C GLU A 209 -10.24 5.98 34.18
N PRO A 210 -9.63 6.75 35.10
CA PRO A 210 -9.27 8.14 34.76
C PRO A 210 -8.14 8.27 33.72
N ASN A 211 -7.20 7.31 33.65
CA ASN A 211 -6.06 7.49 32.72
C ASN A 211 -6.26 6.81 31.36
N ALA A 212 -7.41 7.10 30.70
CA ALA A 212 -7.73 6.52 29.38
C ALA A 212 -8.74 7.35 28.67
N LEU A 213 -8.80 7.19 27.34
CA LEU A 213 -9.79 7.85 26.47
C LEU A 213 -10.82 6.75 26.26
N HIS A 214 -12.06 7.01 26.66
CA HIS A 214 -13.11 6.00 26.66
C HIS A 214 -13.95 6.03 25.40
N ILE A 215 -14.28 4.86 24.81
CA ILE A 215 -15.13 4.78 23.61
C ILE A 215 -16.29 3.79 23.83
N TRP A 216 -17.50 4.19 23.46
CA TRP A 216 -18.69 3.31 23.46
C TRP A 216 -19.06 3.26 21.98
N PRO A 217 -18.42 2.35 21.19
CA PRO A 217 -18.74 2.28 19.75
C PRO A 217 -20.16 1.80 19.49
N HIS A 218 -20.75 2.28 18.41
CA HIS A 218 -22.12 1.84 18.05
C HIS A 218 -22.42 2.02 16.55
N GLY A 219 -21.39 1.82 15.71
CA GLY A 219 -21.47 1.91 14.25
C GLY A 219 -21.64 3.31 13.73
N ASP A 220 -22.85 3.67 13.28
CA ASP A 220 -23.14 5.01 12.75
C ASP A 220 -23.17 6.10 13.83
N TYR A 221 -23.14 5.72 15.11
CA TYR A 221 -23.07 6.69 16.21
C TYR A 221 -22.14 6.14 17.29
N MET A 222 -21.64 6.99 18.16
CA MET A 222 -20.73 6.56 19.25
C MET A 222 -20.65 7.63 20.32
N CYS A 223 -20.15 7.24 21.48
CA CYS A 223 -19.84 8.14 22.58
C CYS A 223 -18.36 8.01 22.90
N ILE A 224 -17.77 9.11 23.29
CA ILE A 224 -16.40 9.11 23.77
C ILE A 224 -16.37 9.86 25.09
N ALA A 225 -15.40 9.56 25.95
CA ALA A 225 -15.27 10.31 27.21
C ALA A 225 -13.81 10.61 27.48
N LEU A 226 -13.53 11.88 27.86
CA LEU A 226 -12.20 12.36 28.25
C LEU A 226 -12.25 12.77 29.71
N PRO A 227 -11.21 12.38 30.47
CA PRO A 227 -11.17 12.68 31.90
C PRO A 227 -10.76 14.10 32.25
N ASN A 228 -11.19 14.58 33.39
CA ASN A 228 -10.77 15.88 33.98
C ASN A 228 -9.95 15.56 35.23
N LEU A 229 -9.16 16.53 35.73
CA LEU A 229 -8.29 16.39 36.90
C LEU A 229 -9.07 15.99 38.14
N ASP A 230 -10.32 16.44 38.24
CA ASP A 230 -11.15 16.20 39.40
C ASP A 230 -11.97 14.91 39.27
N ARG A 231 -11.62 14.04 38.29
CA ARG A 231 -12.28 12.74 38.05
C ARG A 231 -13.65 12.86 37.38
N SER A 232 -14.10 14.07 37.05
CA SER A 232 -15.32 14.19 36.26
C SER A 232 -14.87 13.84 34.83
N PHE A 233 -15.84 13.59 33.93
CA PHE A 233 -15.53 13.28 32.52
C PHE A 233 -16.50 14.04 31.65
N THR A 234 -16.01 14.48 30.49
CA THR A 234 -16.90 15.07 29.49
C THR A 234 -17.16 13.96 28.49
N VAL A 235 -18.44 13.64 28.28
CA VAL A 235 -18.86 12.64 27.33
C VAL A 235 -19.32 13.36 26.06
N THR A 236 -18.86 12.89 24.89
CA THR A 236 -19.32 13.47 23.63
C THR A 236 -20.06 12.41 22.85
N LEU A 237 -21.33 12.69 22.53
CA LEU A 237 -22.13 11.80 21.68
C LEU A 237 -22.01 12.29 20.23
N PHE A 238 -21.65 11.40 19.32
CA PHE A 238 -21.60 11.71 17.88
C PHE A 238 -22.76 10.97 17.26
N LEU A 239 -23.70 11.69 16.66
CA LEU A 239 -24.95 11.11 16.14
C LEU A 239 -25.46 11.92 14.96
N HIS A 240 -25.99 11.24 13.92
CA HIS A 240 -26.53 11.93 12.74
C HIS A 240 -27.53 13.02 13.12
N HIS A 241 -27.41 14.19 12.51
CA HIS A 241 -28.40 15.27 12.71
C HIS A 241 -29.79 14.75 12.30
N GLN A 242 -29.84 14.05 11.14
CA GLN A 242 -31.08 13.55 10.54
C GLN A 242 -30.95 12.12 10.08
N SER A 243 -32.06 11.38 10.09
CA SER A 243 -32.09 10.00 9.65
C SER A 243 -32.10 9.98 8.11
N PRO A 244 -31.29 9.14 7.46
CA PRO A 244 -31.28 9.11 5.98
C PRO A 244 -32.57 8.55 5.39
N ALA A 245 -32.75 8.73 4.07
CA ALA A 245 -33.91 8.28 3.30
C ALA A 245 -34.03 6.74 3.30
N ALA A 246 -32.87 6.04 3.14
CA ALA A 246 -32.79 4.57 3.12
C ALA A 246 -33.07 3.93 4.47
N GLN A 247 -32.71 4.63 5.57
CA GLN A 247 -32.91 4.17 6.95
C GLN A 247 -33.70 5.24 7.74
N PRO A 248 -35.02 5.41 7.50
CA PRO A 248 -35.79 6.45 8.23
C PRO A 248 -35.92 6.22 9.73
N ALA A 249 -35.83 4.94 10.18
CA ALA A 249 -35.94 4.51 11.58
C ALA A 249 -34.60 4.56 12.35
N SER A 250 -33.47 4.77 11.63
CA SER A 250 -32.14 4.82 12.24
C SER A 250 -31.99 6.04 13.19
N PRO A 251 -31.33 5.87 14.36
CA PRO A 251 -31.20 7.00 15.32
C PRO A 251 -30.61 8.28 14.76
N SER A 252 -31.13 9.42 15.22
CA SER A 252 -30.66 10.76 14.85
C SER A 252 -31.11 11.77 15.90
N PHE A 253 -30.48 12.96 15.92
CA PHE A 253 -30.84 14.04 16.83
C PHE A 253 -32.28 14.53 16.59
N ALA A 254 -32.76 14.47 15.32
CA ALA A 254 -34.12 14.87 14.93
C ALA A 254 -35.17 14.05 15.68
N GLN A 255 -34.86 12.77 15.98
CA GLN A 255 -35.72 11.84 16.69
C GLN A 255 -35.71 12.05 18.20
N LEU A 256 -34.70 12.78 18.74
CA LEU A 256 -34.62 13.05 20.17
C LEU A 256 -35.15 14.46 20.46
N VAL A 257 -36.47 14.55 20.64
CA VAL A 257 -37.28 15.77 20.84
C VAL A 257 -36.95 16.51 22.13
N ASP A 258 -36.56 15.76 23.18
CA ASP A 258 -36.24 16.33 24.49
C ASP A 258 -35.23 15.46 25.26
N GLY A 259 -34.91 15.85 26.49
CA GLY A 259 -33.98 15.14 27.35
C GLY A 259 -34.46 13.74 27.72
N HIS A 260 -35.78 13.58 27.92
CA HIS A 260 -36.43 12.30 28.24
C HIS A 260 -36.29 11.30 27.08
N ALA A 261 -36.37 11.78 25.82
CA ALA A 261 -36.16 10.92 24.65
C ALA A 261 -34.67 10.50 24.61
N ALA A 262 -33.75 11.45 24.86
CA ALA A 262 -32.30 11.16 24.92
C ALA A 262 -31.99 10.09 25.99
N ARG A 263 -32.65 10.20 27.17
CA ARG A 263 -32.50 9.20 28.23
C ARG A 263 -32.90 7.77 27.76
N ARG A 264 -34.09 7.64 27.11
CA ARG A 264 -34.57 6.35 26.59
C ARG A 264 -33.59 5.78 25.57
N PHE A 265 -33.09 6.64 24.66
CA PHE A 265 -32.06 6.28 23.66
C PHE A 265 -30.79 5.73 24.34
N PHE A 266 -30.27 6.43 25.37
CA PHE A 266 -29.08 5.94 26.11
C PHE A 266 -29.35 4.66 26.88
N GLN A 267 -30.53 4.55 27.54
CA GLN A 267 -30.83 3.31 28.26
C GLN A 267 -30.84 2.10 27.33
N ARG A 268 -31.35 2.29 26.11
CA ARG A 268 -31.42 1.22 25.12
C ARG A 268 -30.08 0.94 24.39
N GLN A 269 -29.42 2.00 23.85
CA GLN A 269 -28.21 1.86 23.04
C GLN A 269 -26.89 1.90 23.82
N PHE A 270 -26.83 2.63 24.93
CA PHE A 270 -25.63 2.71 25.75
C PHE A 270 -26.00 2.35 27.22
N PRO A 271 -26.51 1.10 27.51
CA PRO A 271 -26.96 0.79 28.88
C PRO A 271 -25.91 0.89 29.99
N ASP A 272 -24.64 0.58 29.71
CA ASP A 272 -23.56 0.70 30.70
C ASP A 272 -23.11 2.15 30.93
N LEU A 273 -23.50 3.07 30.02
CA LEU A 273 -23.14 4.49 30.10
C LEU A 273 -24.22 5.36 30.74
N SER A 274 -25.51 5.16 30.38
CA SER A 274 -26.66 5.90 30.93
C SER A 274 -26.65 6.07 32.49
N PRO A 275 -26.35 5.02 33.34
CA PRO A 275 -26.32 5.23 34.80
C PRO A 275 -25.28 6.22 35.29
N MET A 276 -24.23 6.49 34.48
CA MET A 276 -23.18 7.44 34.88
C MET A 276 -23.53 8.88 34.55
N LEU A 277 -24.52 9.08 33.68
CA LEU A 277 -24.93 10.40 33.23
C LEU A 277 -26.12 10.89 34.02
N ASP A 278 -25.87 11.44 35.23
CA ASP A 278 -26.95 11.90 36.11
C ASP A 278 -27.74 13.07 35.56
N SER A 279 -27.06 14.01 34.90
CA SER A 279 -27.68 15.22 34.38
C SER A 279 -27.99 15.11 32.88
N LEU A 280 -28.09 13.88 32.35
CA LEU A 280 -28.32 13.62 30.93
C LEU A 280 -29.44 14.50 30.32
N GLU A 281 -30.64 14.48 30.92
CA GLU A 281 -31.81 15.25 30.45
C GLU A 281 -31.51 16.73 30.27
N GLN A 282 -30.97 17.36 31.33
CA GLN A 282 -30.63 18.80 31.39
C GLN A 282 -29.47 19.15 30.43
N ASP A 283 -28.39 18.32 30.43
CA ASP A 283 -27.26 18.50 29.52
C ASP A 283 -27.75 18.49 28.07
N PHE A 284 -28.60 17.52 27.73
CA PHE A 284 -29.13 17.37 26.38
C PHE A 284 -29.93 18.57 25.90
N GLU A 285 -30.77 19.14 26.77
CA GLU A 285 -31.61 20.27 26.40
C GLU A 285 -30.91 21.61 26.45
N HIS A 286 -29.92 21.77 27.34
CA HIS A 286 -29.25 23.08 27.53
C HIS A 286 -27.93 23.25 26.79
N HIS A 287 -27.31 22.14 26.34
CA HIS A 287 -26.07 22.20 25.57
C HIS A 287 -26.46 22.11 24.07
N PRO A 288 -26.06 23.06 23.19
CA PRO A 288 -26.47 22.96 21.78
C PRO A 288 -25.76 21.85 21.02
N THR A 289 -26.40 21.32 19.98
CA THR A 289 -25.85 20.29 19.11
C THR A 289 -24.85 21.00 18.20
N GLY A 290 -23.60 20.57 18.26
CA GLY A 290 -22.56 21.16 17.44
C GLY A 290 -22.54 20.57 16.06
N LYS A 291 -21.96 21.29 15.12
CA LYS A 291 -21.85 20.86 13.74
C LYS A 291 -20.40 20.54 13.39
N LEU A 292 -20.21 19.57 12.50
CA LEU A 292 -18.88 19.12 12.03
C LEU A 292 -18.76 19.30 10.53
N ALA A 293 -17.54 19.54 10.04
CA ALA A 293 -17.28 19.68 8.60
C ALA A 293 -15.81 19.67 8.30
N THR A 294 -15.48 19.40 7.04
CA THR A 294 -14.14 19.49 6.50
C THR A 294 -14.22 20.61 5.43
N LEU A 295 -13.33 21.60 5.55
CA LEU A 295 -13.28 22.70 4.58
C LEU A 295 -11.84 22.78 4.08
N ARG A 296 -11.67 22.63 2.77
CA ARG A 296 -10.35 22.65 2.12
C ARG A 296 -10.26 23.91 1.25
N LEU A 297 -9.17 24.65 1.37
CA LEU A 297 -8.96 25.86 0.57
C LEU A 297 -7.75 25.70 -0.32
N THR A 298 -7.85 26.22 -1.54
CA THR A 298 -6.72 26.21 -2.47
C THR A 298 -5.70 27.26 -2.02
N THR A 299 -6.20 28.37 -1.50
CA THR A 299 -5.42 29.55 -1.12
C THR A 299 -5.64 29.90 0.35
N TRP A 300 -4.57 30.12 1.10
CA TRP A 300 -4.63 30.51 2.51
C TRP A 300 -4.14 31.96 2.73
N HIS A 301 -3.65 32.65 1.68
CA HIS A 301 -3.12 33.99 1.87
C HIS A 301 -3.46 34.95 0.73
N VAL A 302 -3.41 36.26 1.02
CA VAL A 302 -3.59 37.34 0.03
C VAL A 302 -2.27 38.11 0.02
N GLY A 303 -1.42 37.87 -0.98
CA GLY A 303 -0.11 38.51 -1.11
C GLY A 303 0.68 38.40 0.18
N GLY A 304 1.18 39.54 0.65
CA GLY A 304 1.87 39.61 1.94
C GLY A 304 1.01 40.29 2.99
N GLN A 305 -0.30 40.47 2.69
CA GLN A 305 -1.24 41.20 3.56
C GLN A 305 -1.95 40.38 4.59
N ALA A 306 -2.37 39.16 4.22
CA ALA A 306 -3.18 38.35 5.14
C ALA A 306 -2.94 36.88 4.96
N VAL A 307 -3.04 36.14 6.03
CA VAL A 307 -2.87 34.67 6.02
C VAL A 307 -3.81 34.03 7.03
N LEU A 308 -4.21 32.78 6.75
CA LEU A 308 -5.03 31.98 7.65
C LEU A 308 -4.20 30.86 8.24
N LEU A 309 -4.56 30.45 9.46
CA LEU A 309 -3.96 29.26 10.09
C LEU A 309 -4.94 28.60 11.04
N GLY A 310 -4.66 27.34 11.42
CA GLY A 310 -5.55 26.58 12.30
C GLY A 310 -6.89 26.31 11.64
N ASP A 311 -7.95 26.34 12.44
CA ASP A 311 -9.33 26.13 11.99
C ASP A 311 -9.78 27.14 10.95
N ALA A 312 -9.24 28.38 10.97
CA ALA A 312 -9.55 29.37 9.95
C ALA A 312 -9.12 28.86 8.55
N ALA A 313 -7.99 28.13 8.47
CA ALA A 313 -7.43 27.63 7.21
C ALA A 313 -7.96 26.26 6.83
N HIS A 314 -8.15 25.38 7.81
CA HIS A 314 -8.51 23.99 7.48
C HIS A 314 -9.43 23.30 8.50
N PRO A 315 -10.71 23.73 8.63
CA PRO A 315 -11.64 23.01 9.51
C PRO A 315 -11.60 21.51 9.18
N MET A 316 -11.54 20.67 10.22
CA MET A 316 -11.49 19.22 10.04
C MET A 316 -12.44 18.55 11.02
N VAL A 317 -12.80 17.27 10.77
CA VAL A 317 -13.64 16.49 11.68
C VAL A 317 -12.78 16.10 12.89
N PRO A 318 -13.34 15.98 14.11
CA PRO A 318 -12.49 15.80 15.31
C PRO A 318 -12.08 14.37 15.66
N PHE A 319 -12.31 13.42 14.76
CA PHE A 319 -12.15 11.99 15.08
C PHE A 319 -10.72 11.52 15.31
N HIS A 320 -9.70 12.37 15.05
CA HIS A 320 -8.32 12.03 15.36
C HIS A 320 -7.77 12.85 16.56
N GLY A 321 -8.55 13.81 17.08
CA GLY A 321 -8.10 14.70 18.16
C GLY A 321 -6.84 15.43 17.77
N GLN A 322 -6.80 15.95 16.52
CA GLN A 322 -5.62 16.59 15.99
C GLN A 322 -5.77 18.07 15.57
N GLY A 323 -6.98 18.61 15.62
CA GLY A 323 -7.24 19.99 15.21
C GLY A 323 -6.42 21.03 15.95
N MET A 324 -6.43 20.97 17.29
CA MET A 324 -5.63 21.90 18.13
C MET A 324 -4.15 21.62 17.88
N ASN A 325 -3.77 20.32 17.85
CA ASN A 325 -2.38 19.91 17.65
C ASN A 325 -1.85 20.47 16.32
N CYS A 326 -2.67 20.36 15.26
CA CYS A 326 -2.33 20.89 13.94
C CYS A 326 -2.24 22.44 13.99
N ALA A 327 -3.19 23.11 14.68
CA ALA A 327 -3.24 24.57 14.78
C ALA A 327 -1.96 25.10 15.50
N LEU A 328 -1.53 24.42 16.57
CA LEU A 328 -0.32 24.82 17.30
C LEU A 328 0.93 24.58 16.45
N GLU A 329 0.96 23.45 15.69
CA GLU A 329 2.04 23.15 14.75
C GLU A 329 2.07 24.27 13.66
N ASP A 330 0.88 24.73 13.17
CA ASP A 330 0.80 25.80 12.17
C ASP A 330 1.39 27.10 12.73
N ALA A 331 1.07 27.42 14.00
CA ALA A 331 1.52 28.63 14.68
C ALA A 331 3.05 28.71 14.69
N VAL A 332 3.72 27.58 15.02
CA VAL A 332 5.18 27.48 15.01
C VAL A 332 5.72 27.74 13.62
N ALA A 333 5.17 27.07 12.59
CA ALA A 333 5.63 27.20 11.19
C ALA A 333 5.46 28.62 10.72
N LEU A 334 4.31 29.23 11.02
CA LEU A 334 4.03 30.59 10.60
C LEU A 334 5.01 31.57 11.24
N ALA A 335 5.23 31.46 12.58
CA ALA A 335 6.17 32.33 13.27
C ALA A 335 7.58 32.19 12.69
N GLU A 336 8.02 30.95 12.39
CA GLU A 336 9.34 30.67 11.80
C GLU A 336 9.52 31.33 10.44
N HIS A 337 8.51 31.14 9.54
CA HIS A 337 8.57 31.70 8.18
C HIS A 337 8.55 33.22 8.24
N LEU A 338 7.67 33.79 9.09
CA LEU A 338 7.59 35.26 9.23
C LEU A 338 8.89 35.86 9.77
N GLN A 339 9.49 35.19 10.75
CA GLN A 339 10.69 35.71 11.38
C GLN A 339 11.89 35.79 10.44
N SER A 340 12.05 34.75 9.59
CA SER A 340 13.21 34.57 8.73
CA SER A 340 13.22 34.60 8.74
C SER A 340 13.07 34.88 7.25
N ALA A 341 11.87 35.26 6.77
CA ALA A 341 11.75 35.49 5.32
C ALA A 341 12.30 36.81 4.84
N ALA A 342 12.45 36.95 3.50
CA ALA A 342 12.94 38.19 2.87
C ALA A 342 11.91 39.30 3.10
N ASP A 343 10.61 38.93 3.04
CA ASP A 343 9.46 39.84 3.22
C ASP A 343 8.22 39.00 3.59
N ASN A 344 7.12 39.67 3.97
CA ASN A 344 5.88 38.99 4.35
C ASN A 344 5.27 38.16 3.23
N ALA A 345 5.28 38.66 1.98
CA ALA A 345 4.72 37.89 0.86
C ALA A 345 5.43 36.53 0.67
N SER A 346 6.77 36.52 0.72
CA SER A 346 7.57 35.28 0.61
C SER A 346 7.26 34.34 1.77
N ALA A 347 7.16 34.88 2.99
CA ALA A 347 6.84 34.11 4.23
C ALA A 347 5.49 33.41 4.11
N LEU A 348 4.45 34.14 3.65
CA LEU A 348 3.10 33.60 3.54
C LEU A 348 3.00 32.53 2.47
N ALA A 349 3.63 32.77 1.30
CA ALA A 349 3.67 31.80 0.20
C ALA A 349 4.40 30.54 0.65
N ALA A 350 5.55 30.68 1.37
CA ALA A 350 6.33 29.51 1.83
C ALA A 350 5.57 28.73 2.93
N PHE A 351 4.94 29.44 3.89
CA PHE A 351 4.13 28.81 4.95
C PHE A 351 3.01 27.96 4.32
N THR A 352 2.24 28.58 3.39
CA THR A 352 1.13 27.90 2.71
C THR A 352 1.62 26.66 1.95
N ALA A 353 2.72 26.78 1.17
CA ALA A 353 3.27 25.67 0.39
C ALA A 353 3.69 24.54 1.31
N GLN A 354 4.27 24.86 2.46
CA GLN A 354 4.68 23.83 3.42
C GLN A 354 3.47 23.13 4.10
N ARG A 355 2.51 23.90 4.62
CA ARG A 355 1.44 23.35 5.46
C ARG A 355 0.22 22.77 4.71
N GLN A 356 -0.13 23.31 3.53
CA GLN A 356 -1.30 22.80 2.80
C GLN A 356 -1.31 21.26 2.57
N PRO A 357 -0.23 20.60 2.07
CA PRO A 357 -0.29 19.13 1.91
C PRO A 357 -0.50 18.38 3.23
N ASP A 358 0.06 18.90 4.33
CA ASP A 358 -0.09 18.30 5.65
C ASP A 358 -1.49 18.47 6.19
N ALA A 359 -2.10 19.67 6.05
CA ALA A 359 -3.48 19.90 6.49
C ALA A 359 -4.43 18.94 5.71
N LEU A 360 -4.22 18.76 4.40
CA LEU A 360 -5.03 17.85 3.60
C LEU A 360 -4.93 16.41 4.11
N ALA A 361 -3.71 15.96 4.46
CA ALA A 361 -3.45 14.60 4.95
C ALA A 361 -4.16 14.37 6.29
N ILE A 362 -4.06 15.31 7.24
CA ILE A 362 -4.74 15.15 8.54
C ILE A 362 -6.28 15.25 8.39
N GLN A 363 -6.78 16.07 7.46
CA GLN A 363 -8.21 16.12 7.21
C GLN A 363 -8.73 14.75 6.72
N ALA A 364 -7.97 14.08 5.83
CA ALA A 364 -8.31 12.75 5.29
C ALA A 364 -8.21 11.66 6.39
N MET A 365 -7.12 11.69 7.17
CA MET A 365 -6.89 10.71 8.25
C MET A 365 -7.92 10.87 9.39
N ALA A 366 -8.35 12.11 9.67
CA ALA A 366 -9.36 12.35 10.69
C ALA A 366 -10.71 11.74 10.26
N LEU A 367 -11.08 11.88 8.98
CA LEU A 367 -12.32 11.28 8.47
C LEU A 367 -12.23 9.73 8.58
N GLU A 368 -11.08 9.16 8.21
CA GLU A 368 -10.88 7.70 8.26
C GLU A 368 -10.90 7.14 9.69
N ASN A 369 -10.49 7.94 10.70
CA ASN A 369 -10.44 7.46 12.09
C ASN A 369 -11.82 7.22 12.71
N TYR A 370 -12.89 7.83 12.15
CA TYR A 370 -14.23 7.58 12.65
C TYR A 370 -14.58 6.08 12.62
N VAL A 371 -14.40 5.44 11.44
CA VAL A 371 -14.73 4.02 11.29
C VAL A 371 -13.87 3.17 12.23
N GLU A 372 -12.59 3.56 12.41
CA GLU A 372 -11.69 2.85 13.32
C GLU A 372 -12.24 2.84 14.76
N MET A 373 -12.78 3.99 15.24
CA MET A 373 -13.30 4.12 16.59
C MET A 373 -14.68 3.53 16.82
N SER A 374 -15.61 3.77 15.87
CA SER A 374 -17.01 3.38 16.03
C SER A 374 -17.32 1.95 15.58
N SER A 375 -16.44 1.34 14.74
CA SER A 375 -16.61 -0.04 14.24
C SER A 375 -15.39 -0.91 14.55
N SER A 379 -13.64 -5.06 16.36
CA SER A 379 -13.63 -6.03 15.27
C SER A 379 -12.49 -7.05 15.44
N PRO A 380 -12.74 -8.37 15.25
CA PRO A 380 -11.66 -9.37 15.42
C PRO A 380 -10.51 -9.23 14.42
N THR A 381 -10.80 -8.89 13.14
CA THR A 381 -9.79 -8.74 12.08
C THR A 381 -8.91 -7.50 12.34
N TYR A 382 -9.50 -6.39 12.83
CA TYR A 382 -8.75 -5.17 13.15
C TYR A 382 -7.65 -5.47 14.20
N LEU A 383 -8.01 -6.28 15.22
CA LEU A 383 -7.12 -6.68 16.33
C LEU A 383 -6.02 -7.63 15.85
N LEU A 384 -6.30 -8.43 14.79
CA LEU A 384 -5.34 -9.35 14.18
C LEU A 384 -4.31 -8.56 13.33
N GLU A 385 -4.78 -7.51 12.64
CA GLU A 385 -3.92 -6.62 11.84
C GLU A 385 -3.04 -5.78 12.77
N ARG A 386 -3.59 -5.40 13.95
CA ARG A 386 -2.89 -4.61 14.98
C ARG A 386 -1.82 -5.49 15.64
N GLU A 387 -2.13 -6.79 15.81
CA GLU A 387 -1.27 -7.84 16.37
C GLU A 387 -0.04 -7.97 15.47
N LEU A 388 -0.24 -8.30 14.16
CA LEU A 388 0.81 -8.43 13.15
C LEU A 388 1.63 -7.13 13.01
N GLY A 389 0.96 -5.99 13.09
CA GLY A 389 1.56 -4.67 13.05
C GLY A 389 2.47 -4.37 14.22
N GLN A 390 2.15 -4.93 15.41
CA GLN A 390 2.96 -4.79 16.64
C GLN A 390 4.24 -5.66 16.51
N ILE A 391 4.11 -6.90 15.95
CA ILE A 391 5.22 -7.81 15.64
C ILE A 391 6.18 -7.13 14.64
N MET A 392 5.61 -6.49 13.59
CA MET A 392 6.38 -5.77 12.56
C MET A 392 7.03 -4.53 13.16
N ALA A 393 6.33 -3.85 14.12
CA ALA A 393 6.88 -2.69 14.81
C ALA A 393 8.04 -3.11 15.72
N GLN A 394 7.94 -4.33 16.33
CA GLN A 394 8.97 -4.93 17.19
C GLN A 394 10.19 -5.36 16.34
N ARG A 395 9.95 -5.93 15.15
CA ARG A 395 11.04 -6.40 14.28
C ARG A 395 11.74 -5.28 13.54
N GLN A 396 10.97 -4.29 13.08
CA GLN A 396 11.49 -3.16 12.30
C GLN A 396 10.96 -1.82 12.88
N PRO A 397 11.38 -1.39 14.11
CA PRO A 397 10.86 -0.13 14.68
C PRO A 397 11.21 1.17 13.93
N THR A 398 12.12 1.13 12.95
CA THR A 398 12.51 2.32 12.17
C THR A 398 11.83 2.36 10.78
N ARG A 399 11.10 1.28 10.44
CA ARG A 399 10.42 1.19 9.16
C ARG A 399 8.90 1.09 9.40
N PHE A 400 8.48 0.23 10.35
CA PHE A 400 7.07 0.00 10.68
C PHE A 400 6.64 0.72 11.95
N ILE A 401 6.08 1.91 11.77
CA ILE A 401 5.57 2.73 12.87
C ILE A 401 4.06 2.87 12.62
N PRO A 402 3.19 2.28 13.47
CA PRO A 402 1.73 2.37 13.20
C PRO A 402 1.30 3.80 12.94
N ARG A 403 0.40 4.00 11.95
CA ARG A 403 -0.06 5.33 11.57
C ARG A 403 -0.53 6.16 12.77
N TYR A 404 -1.30 5.54 13.70
CA TYR A 404 -1.73 6.29 14.88
C TYR A 404 -0.51 6.87 15.62
N SER A 405 0.58 6.08 15.77
CA SER A 405 1.79 6.54 16.47
C SER A 405 2.52 7.63 15.70
N MET A 406 2.58 7.53 14.35
CA MET A 406 3.21 8.55 13.49
C MET A 406 2.48 9.90 13.63
N VAL A 407 1.15 9.88 13.62
CA VAL A 407 0.31 11.08 13.75
C VAL A 407 0.40 11.66 15.18
N THR A 408 0.27 10.79 16.18
CA THR A 408 0.11 11.21 17.55
C THR A 408 1.41 11.46 18.31
N PHE A 409 2.43 10.61 18.10
CA PHE A 409 3.66 10.67 18.89
C PHE A 409 4.89 11.15 18.16
N SER A 410 4.74 11.55 16.92
CA SER A 410 5.87 12.05 16.15
C SER A 410 5.54 13.37 15.48
N ARG A 411 6.55 14.00 14.91
CA ARG A 411 6.36 15.26 14.19
C ARG A 411 6.60 15.05 12.70
N LEU A 412 6.56 13.79 12.27
CA LEU A 412 6.70 13.48 10.86
C LEU A 412 5.61 14.28 10.11
N PRO A 413 5.91 14.96 8.99
CA PRO A 413 4.86 15.67 8.24
C PRO A 413 3.63 14.75 8.05
N TYR A 414 2.41 15.24 8.35
CA TYR A 414 1.17 14.45 8.22
C TYR A 414 1.08 13.69 6.88
N ALA A 415 1.49 14.35 5.76
CA ALA A 415 1.46 13.72 4.42
C ALA A 415 2.35 12.49 4.35
N GLN A 416 3.54 12.54 5.00
CA GLN A 416 4.42 11.36 5.04
C GLN A 416 3.83 10.26 5.95
N ALA A 417 3.21 10.67 7.09
CA ALA A 417 2.53 9.73 8.00
C ALA A 417 1.41 8.99 7.25
N MET A 418 0.60 9.73 6.45
CA MET A 418 -0.47 9.12 5.68
C MET A 418 0.07 8.16 4.59
N ALA A 419 1.10 8.60 3.84
CA ALA A 419 1.70 7.82 2.76
C ALA A 419 2.28 6.49 3.27
N ARG A 420 3.08 6.55 4.35
CA ARG A 420 3.66 5.38 5.01
C ARG A 420 2.56 4.50 5.60
N GLY A 421 1.51 5.14 6.16
CA GLY A 421 0.36 4.44 6.72
C GLY A 421 -0.37 3.58 5.71
N GLN A 422 -0.53 4.11 4.47
CA GLN A 422 -1.19 3.39 3.38
C GLN A 422 -0.39 2.13 2.98
N ILE A 423 0.95 2.23 2.92
CA ILE A 423 1.83 1.10 2.59
C ILE A 423 1.67 0.00 3.66
N GLN A 424 1.60 0.42 4.94
CA GLN A 424 1.45 -0.48 6.09
C GLN A 424 0.10 -1.15 6.11
N GLU A 425 -0.97 -0.37 5.87
CA GLU A 425 -2.36 -0.86 5.81
C GLU A 425 -2.47 -1.95 4.72
N GLN A 426 -1.91 -1.69 3.53
CA GLN A 426 -1.91 -2.62 2.41
C GLN A 426 -1.15 -3.90 2.73
N LEU A 427 0.05 -3.81 3.35
CA LEU A 427 0.78 -5.03 3.66
C LEU A 427 0.12 -5.85 4.78
N LEU A 428 -0.50 -5.18 5.79
CA LEU A 428 -1.21 -5.88 6.87
C LEU A 428 -2.40 -6.65 6.30
N LYS A 429 -3.21 -5.96 5.47
CA LYS A 429 -4.40 -6.48 4.81
C LYS A 429 -4.05 -7.66 3.87
N PHE A 430 -2.91 -7.56 3.13
CA PHE A 430 -2.44 -8.63 2.23
C PHE A 430 -2.05 -9.89 3.03
N ALA A 431 -1.29 -9.71 4.13
CA ALA A 431 -0.82 -10.82 4.95
C ALA A 431 -1.94 -11.51 5.71
N VAL A 432 -2.93 -10.75 6.22
CA VAL A 432 -4.05 -11.31 6.98
C VAL A 432 -5.10 -11.95 6.03
N ALA A 433 -4.92 -11.79 4.69
CA ALA A 433 -5.81 -12.38 3.69
C ALA A 433 -5.38 -13.81 3.35
N ASN A 434 -6.38 -14.71 3.14
CA ASN A 434 -6.22 -16.13 2.83
C ASN A 434 -5.59 -16.90 4.04
N HIS A 435 -5.81 -16.38 5.28
CA HIS A 435 -5.29 -16.93 6.54
C HIS A 435 -6.32 -16.77 7.65
N SER A 436 -6.65 -17.88 8.34
CA SER A 436 -7.62 -17.93 9.43
C SER A 436 -7.02 -17.43 10.76
N ASP A 437 -5.75 -17.81 11.05
CA ASP A 437 -5.05 -17.44 12.29
C ASP A 437 -3.64 -16.85 12.08
N LEU A 438 -3.12 -16.16 13.13
CA LEU A 438 -1.82 -15.48 13.22
C LEU A 438 -0.61 -16.44 13.09
N THR A 439 -0.86 -17.76 13.31
CA THR A 439 0.14 -18.85 13.27
C THR A 439 0.38 -19.41 11.83
N SER A 440 -0.57 -19.18 10.90
CA SER A 440 -0.44 -19.61 9.49
C SER A 440 0.30 -18.56 8.63
N ILE A 441 0.42 -17.32 9.14
CA ILE A 441 1.10 -16.20 8.48
C ILE A 441 2.62 -16.32 8.66
N ASN A 442 3.37 -16.27 7.55
CA ASN A 442 4.82 -16.31 7.53
C ASN A 442 5.31 -14.90 7.88
N LEU A 443 5.82 -14.72 9.12
CA LEU A 443 6.29 -13.42 9.63
C LEU A 443 7.51 -12.86 8.89
N ASP A 444 8.46 -13.74 8.51
CA ASP A 444 9.67 -13.36 7.76
C ASP A 444 9.33 -12.80 6.37
N ALA A 445 8.26 -13.33 5.74
CA ALA A 445 7.77 -12.89 4.44
C ALA A 445 7.18 -11.48 4.58
N VAL A 446 6.39 -11.23 5.64
CA VAL A 446 5.80 -9.91 5.90
C VAL A 446 6.94 -8.90 6.16
N GLU A 447 7.96 -9.31 6.96
CA GLU A 447 9.12 -8.47 7.29
C GLU A 447 9.92 -8.11 6.02
N HIS A 448 9.94 -9.02 5.02
CA HIS A 448 10.59 -8.78 3.74
C HIS A 448 9.92 -7.64 2.94
N GLU A 449 8.55 -7.60 2.81
CA GLU A 449 7.93 -6.47 2.09
C GLU A 449 8.06 -5.18 2.89
N VAL A 450 8.28 -5.28 4.22
CA VAL A 450 8.52 -4.11 5.08
C VAL A 450 9.85 -3.49 4.61
N THR A 451 10.91 -4.33 4.50
CA THR A 451 12.23 -3.90 4.02
C THR A 451 12.20 -3.48 2.54
N ARG A 452 11.37 -4.14 1.70
CA ARG A 452 11.21 -3.83 0.27
C ARG A 452 10.46 -2.51 -0.01
N CYS A 453 9.37 -2.17 0.74
CA CYS A 453 8.55 -1.00 0.39
C CYS A 453 8.52 0.13 1.42
N LEU A 454 9.07 -0.05 2.62
CA LEU A 454 9.14 1.03 3.61
C LEU A 454 10.58 1.48 3.88
N PRO A 455 11.01 2.66 3.38
CA PRO A 455 12.37 3.14 3.69
C PRO A 455 12.57 3.42 5.18
N PRO A 456 13.76 3.20 5.77
CA PRO A 456 13.92 3.49 7.22
C PRO A 456 13.89 4.98 7.58
N LEU A 457 13.55 5.29 8.83
CA LEU A 457 13.48 6.66 9.38
C LEU A 457 14.41 6.78 10.59
N ALA B 7 -25.02 -29.69 -20.62
CA ALA B 7 -23.57 -29.46 -20.64
C ALA B 7 -23.22 -28.09 -20.05
N ARG B 8 -22.29 -28.07 -19.10
CA ARG B 8 -21.81 -26.85 -18.43
C ARG B 8 -21.10 -25.93 -19.45
N GLN B 9 -21.35 -24.63 -19.34
CA GLN B 9 -20.84 -23.64 -20.29
C GLN B 9 -19.75 -22.78 -19.70
N VAL B 10 -18.79 -22.39 -20.56
CA VAL B 10 -17.67 -21.56 -20.17
C VAL B 10 -17.19 -20.69 -21.32
N THR B 11 -16.87 -19.43 -20.99
CA THR B 11 -16.32 -18.46 -21.93
C THR B 11 -14.89 -18.20 -21.43
N ILE B 12 -13.93 -18.36 -22.31
CA ILE B 12 -12.51 -18.14 -21.99
C ILE B 12 -11.98 -16.96 -22.80
N ILE B 13 -11.30 -16.04 -22.12
CA ILE B 13 -10.71 -14.87 -22.77
C ILE B 13 -9.23 -15.07 -22.84
N GLY B 14 -8.73 -15.18 -24.07
CA GLY B 14 -7.30 -15.33 -24.31
C GLY B 14 -6.92 -16.73 -24.72
N ALA B 15 -6.62 -16.88 -26.01
CA ALA B 15 -6.20 -18.16 -26.55
C ALA B 15 -4.65 -18.23 -26.54
N GLY B 16 -4.08 -17.99 -25.36
CA GLY B 16 -2.64 -18.07 -25.13
C GLY B 16 -2.30 -19.46 -24.66
N LEU B 17 -1.40 -19.58 -23.69
CA LEU B 17 -0.97 -20.91 -23.25
C LEU B 17 -1.94 -21.52 -22.24
N ALA B 18 -2.30 -20.75 -21.20
CA ALA B 18 -3.23 -21.21 -20.17
C ALA B 18 -4.66 -21.39 -20.73
N GLY B 19 -5.13 -20.39 -21.49
CA GLY B 19 -6.48 -20.36 -22.07
C GLY B 19 -6.77 -21.55 -22.95
N THR B 20 -5.84 -21.88 -23.84
CA THR B 20 -5.99 -23.00 -24.78
C THR B 20 -5.93 -24.33 -24.08
N LEU B 21 -5.02 -24.48 -23.11
CA LEU B 21 -4.94 -25.75 -22.38
C LEU B 21 -6.20 -25.99 -21.57
N VAL B 22 -6.70 -24.97 -20.87
CA VAL B 22 -7.91 -25.17 -20.06
C VAL B 22 -9.12 -25.43 -21.01
N ALA B 23 -9.14 -24.79 -22.21
CA ALA B 23 -10.18 -25.00 -23.22
C ALA B 23 -10.20 -26.49 -23.64
N ARG B 24 -9.03 -27.09 -23.90
CA ARG B 24 -8.94 -28.51 -24.26
C ARG B 24 -9.41 -29.44 -23.13
N LEU B 25 -8.94 -29.20 -21.91
CA LEU B 25 -9.28 -30.02 -20.75
C LEU B 25 -10.76 -30.01 -20.45
N LEU B 26 -11.39 -28.83 -20.51
CA LEU B 26 -12.83 -28.70 -20.26
C LEU B 26 -13.65 -29.26 -21.41
N ALA B 27 -13.31 -28.91 -22.67
CA ALA B 27 -14.05 -29.40 -23.86
C ALA B 27 -14.05 -30.95 -23.93
N ARG B 28 -12.90 -31.59 -23.63
CA ARG B 28 -12.87 -33.05 -23.70
C ARG B 28 -13.68 -33.72 -22.56
N ASN B 29 -13.99 -32.96 -21.50
CA ASN B 29 -14.87 -33.38 -20.41
C ASN B 29 -16.33 -33.00 -20.69
N GLY B 30 -16.62 -32.59 -21.93
CA GLY B 30 -17.97 -32.27 -22.37
C GLY B 30 -18.50 -30.87 -22.07
N TRP B 31 -17.65 -29.94 -21.62
CA TRP B 31 -18.12 -28.55 -21.42
C TRP B 31 -18.30 -27.92 -22.79
N GLN B 32 -19.23 -26.94 -22.89
CA GLN B 32 -19.41 -26.17 -24.11
C GLN B 32 -18.45 -25.00 -23.89
N VAL B 33 -17.38 -24.98 -24.69
CA VAL B 33 -16.31 -24.00 -24.54
C VAL B 33 -16.28 -23.02 -25.73
N ASN B 34 -16.33 -21.72 -25.42
CA ASN B 34 -16.13 -20.65 -26.40
C ASN B 34 -14.92 -19.86 -25.91
N LEU B 35 -13.92 -19.75 -26.78
CA LEU B 35 -12.65 -19.09 -26.49
C LEU B 35 -12.49 -17.88 -27.39
N PHE B 36 -12.29 -16.69 -26.78
CA PHE B 36 -12.15 -15.42 -27.51
C PHE B 36 -10.72 -14.94 -27.46
N GLU B 37 -10.16 -14.63 -28.63
CA GLU B 37 -8.77 -14.17 -28.76
C GLU B 37 -8.73 -12.86 -29.53
N ARG B 38 -7.99 -11.86 -29.01
CA ARG B 38 -7.87 -10.55 -29.68
C ARG B 38 -7.09 -10.65 -30.99
N ARG B 39 -5.99 -11.42 -30.98
CA ARG B 39 -5.12 -11.54 -32.16
C ARG B 39 -5.77 -12.35 -33.28
N PRO B 40 -5.21 -12.31 -34.52
CA PRO B 40 -5.70 -13.21 -35.57
C PRO B 40 -5.24 -14.64 -35.24
N ASP B 41 -5.81 -15.62 -35.93
CA ASP B 41 -5.37 -17.01 -35.76
C ASP B 41 -3.92 -17.15 -36.32
N PRO B 42 -2.90 -17.51 -35.49
CA PRO B 42 -1.52 -17.64 -36.01
C PRO B 42 -1.37 -18.83 -36.97
N ARG B 43 -2.37 -19.74 -37.03
CA ARG B 43 -2.32 -20.90 -37.95
C ARG B 43 -2.68 -20.46 -39.37
N ILE B 44 -3.28 -19.25 -39.54
CA ILE B 44 -3.62 -18.74 -40.86
C ILE B 44 -2.37 -18.00 -41.38
N GLU B 45 -1.64 -18.64 -42.31
CA GLU B 45 -0.42 -18.09 -42.87
C GLU B 45 -0.68 -16.79 -43.64
N THR B 46 0.10 -15.75 -43.33
CA THR B 46 0.02 -14.45 -44.01
C THR B 46 1.41 -14.15 -44.56
N GLY B 47 1.59 -12.99 -45.18
CA GLY B 47 2.88 -12.58 -45.71
C GLY B 47 3.71 -11.79 -44.71
N ALA B 48 3.23 -11.68 -43.44
CA ALA B 48 3.88 -10.93 -42.36
C ALA B 48 5.13 -11.60 -41.84
N ARG B 49 6.14 -10.80 -41.44
CA ARG B 49 7.41 -11.30 -40.87
C ARG B 49 7.18 -11.59 -39.37
N GLY B 50 7.01 -12.88 -39.06
CA GLY B 50 6.72 -13.37 -37.71
C GLY B 50 7.94 -13.73 -36.88
N ARG B 51 8.15 -12.98 -35.77
CA ARG B 51 9.25 -13.18 -34.83
C ARG B 51 8.72 -13.74 -33.50
N SER B 52 9.08 -14.99 -33.20
CA SER B 52 8.67 -15.65 -31.97
C SER B 52 9.90 -16.05 -31.17
N ILE B 53 9.84 -15.87 -29.85
CA ILE B 53 10.94 -16.30 -28.97
C ILE B 53 10.67 -17.75 -28.58
N ASN B 54 11.66 -18.39 -27.99
CA ASN B 54 11.56 -19.73 -27.44
C ASN B 54 11.39 -19.63 -25.93
N LEU B 55 10.74 -20.63 -25.34
CA LEU B 55 10.55 -20.65 -23.90
C LEU B 55 11.15 -21.94 -23.33
N ALA B 56 11.59 -21.89 -22.08
CA ALA B 56 12.09 -23.12 -21.45
C ALA B 56 10.88 -23.86 -20.82
N LEU B 57 10.59 -25.03 -21.35
CA LEU B 57 9.54 -25.92 -20.90
C LEU B 57 10.22 -26.91 -19.92
N ALA B 58 9.70 -26.94 -18.70
CA ALA B 58 10.22 -27.82 -17.65
C ALA B 58 9.19 -28.85 -17.22
N GLU B 59 9.47 -29.66 -16.18
CA GLU B 59 8.56 -30.77 -15.78
C GLU B 59 7.09 -30.33 -15.53
N ARG B 60 6.84 -29.17 -14.89
CA ARG B 60 5.47 -28.71 -14.63
C ARG B 60 4.68 -28.48 -15.91
N GLY B 61 5.27 -27.79 -16.88
CA GLY B 61 4.62 -27.56 -18.17
C GLY B 61 4.50 -28.86 -18.96
N ALA B 62 5.57 -29.69 -18.98
CA ALA B 62 5.56 -30.96 -19.75
C ALA B 62 4.51 -31.92 -19.20
N HIS B 63 4.41 -32.03 -17.86
CA HIS B 63 3.39 -32.87 -17.22
C HIS B 63 1.96 -32.38 -17.57
N ALA B 64 1.72 -31.06 -17.58
CA ALA B 64 0.42 -30.50 -17.96
C ALA B 64 0.10 -30.90 -19.40
N LEU B 65 1.08 -30.78 -20.30
CA LEU B 65 0.90 -31.19 -21.71
C LEU B 65 0.66 -32.71 -21.81
N ARG B 66 1.35 -33.49 -20.95
CA ARG B 66 1.22 -34.96 -20.87
C ARG B 66 -0.22 -35.36 -20.50
N LEU B 67 -0.81 -34.72 -19.44
CA LEU B 67 -2.19 -34.96 -19.02
C LEU B 67 -3.15 -34.65 -20.19
N ALA B 68 -2.82 -33.60 -20.99
CA ALA B 68 -3.62 -33.17 -22.14
C ALA B 68 -3.42 -34.03 -23.41
N GLY B 69 -2.43 -34.92 -23.40
CA GLY B 69 -2.11 -35.79 -24.53
C GLY B 69 -1.39 -35.05 -25.66
N LEU B 70 -0.68 -33.94 -25.33
CA LEU B 70 0.02 -33.13 -26.34
C LEU B 70 1.53 -33.09 -26.18
N GLU B 71 2.06 -33.72 -25.12
CA GLU B 71 3.49 -33.65 -24.85
C GLU B 71 4.39 -34.14 -26.01
N ARG B 72 4.07 -35.31 -26.60
CA ARG B 72 4.89 -35.87 -27.67
C ARG B 72 4.99 -34.92 -28.86
N GLU B 73 3.84 -34.34 -29.27
CA GLU B 73 3.79 -33.36 -30.37
C GLU B 73 4.64 -32.13 -30.08
N VAL B 74 4.55 -31.59 -28.85
CA VAL B 74 5.32 -30.42 -28.44
C VAL B 74 6.83 -30.73 -28.39
N LEU B 75 7.19 -31.86 -27.78
CA LEU B 75 8.61 -32.22 -27.66
C LEU B 75 9.29 -32.54 -29.00
N ALA B 76 8.51 -32.98 -30.01
CA ALA B 76 9.05 -33.27 -31.34
C ALA B 76 9.68 -31.99 -31.96
N GLU B 77 9.20 -30.81 -31.53
CA GLU B 77 9.68 -29.49 -31.98
C GLU B 77 10.58 -28.79 -30.93
N ALA B 78 11.02 -29.48 -29.86
CA ALA B 78 11.78 -28.87 -28.77
C ALA B 78 13.25 -29.26 -28.78
N VAL B 79 14.13 -28.31 -28.42
CA VAL B 79 15.57 -28.58 -28.32
C VAL B 79 15.86 -28.95 -26.87
N MET B 80 16.54 -30.08 -26.69
CA MET B 80 16.93 -30.58 -25.38
C MET B 80 18.03 -29.69 -24.78
N MET B 81 17.84 -29.25 -23.52
CA MET B 81 18.89 -28.48 -22.83
C MET B 81 19.30 -29.33 -21.64
N ARG B 82 20.47 -29.99 -21.79
CA ARG B 82 21.05 -30.96 -20.84
C ARG B 82 21.63 -30.33 -19.60
N GLY B 83 21.98 -29.06 -19.70
CA GLY B 83 22.60 -28.33 -18.61
C GLY B 83 22.73 -26.87 -18.87
N ARG B 84 23.30 -26.18 -17.90
CA ARG B 84 23.52 -24.75 -18.00
C ARG B 84 25.00 -24.50 -18.38
N MET B 85 25.20 -23.74 -19.47
CA MET B 85 26.54 -23.40 -19.92
C MET B 85 26.85 -22.01 -19.41
N VAL B 86 27.72 -21.94 -18.38
CA VAL B 86 28.06 -20.68 -17.73
C VAL B 86 29.31 -20.08 -18.40
N HIS B 87 29.18 -18.84 -18.91
CA HIS B 87 30.25 -18.11 -19.60
C HIS B 87 30.82 -17.04 -18.67
N VAL B 88 31.84 -17.41 -17.89
CA VAL B 88 32.49 -16.55 -16.90
C VAL B 88 33.86 -16.11 -17.46
N PRO B 89 34.13 -14.79 -17.59
CA PRO B 89 35.44 -14.35 -18.13
C PRO B 89 36.62 -14.89 -17.34
N GLY B 90 37.66 -15.32 -18.06
CA GLY B 90 38.86 -15.92 -17.49
C GLY B 90 38.94 -17.42 -17.69
N THR B 91 37.80 -18.13 -17.60
CA THR B 91 37.76 -19.58 -17.79
C THR B 91 36.98 -19.97 -19.07
N PRO B 92 37.23 -21.16 -19.67
CA PRO B 92 36.39 -21.60 -20.80
C PRO B 92 34.95 -21.88 -20.33
N PRO B 93 33.91 -21.82 -21.19
CA PRO B 93 32.53 -22.07 -20.70
C PRO B 93 32.39 -23.41 -19.99
N ASN B 94 31.73 -23.39 -18.82
CA ASN B 94 31.55 -24.54 -17.95
C ASN B 94 30.11 -25.09 -18.03
N LEU B 95 29.96 -26.35 -18.44
CA LEU B 95 28.64 -27.00 -18.50
C LEU B 95 28.32 -27.66 -17.17
N GLN B 96 27.22 -27.23 -16.56
CA GLN B 96 26.69 -27.76 -15.31
C GLN B 96 25.45 -28.61 -15.68
N PRO B 97 25.60 -29.94 -15.81
CA PRO B 97 24.45 -30.80 -16.17
C PRO B 97 23.31 -30.67 -15.17
N TYR B 98 22.07 -30.82 -15.65
CA TYR B 98 20.90 -30.73 -14.78
C TYR B 98 20.65 -31.96 -13.93
N GLY B 99 21.00 -33.14 -14.45
CA GLY B 99 20.76 -34.38 -13.72
C GLY B 99 21.57 -35.59 -14.08
N ARG B 100 21.03 -36.77 -13.68
CA ARG B 100 21.58 -38.13 -13.87
C ARG B 100 22.04 -38.28 -15.32
N ASP B 101 21.07 -38.07 -16.25
CA ASP B 101 21.25 -38.11 -17.70
C ASP B 101 20.13 -37.32 -18.40
N ASP B 102 19.78 -37.69 -19.65
CA ASP B 102 18.82 -36.98 -20.49
C ASP B 102 17.35 -37.05 -20.02
N SER B 103 17.08 -37.60 -18.81
CA SER B 103 15.73 -37.63 -18.25
C SER B 103 15.47 -36.32 -17.51
N GLU B 104 16.53 -35.66 -16.99
CA GLU B 104 16.43 -34.38 -16.28
C GLU B 104 17.00 -33.28 -17.17
N VAL B 105 16.14 -32.79 -18.05
CA VAL B 105 16.50 -31.77 -19.02
C VAL B 105 15.42 -30.70 -19.05
N ILE B 106 15.71 -29.58 -19.69
CA ILE B 106 14.73 -28.53 -19.93
C ILE B 106 14.57 -28.48 -21.46
N TRP B 107 13.42 -28.06 -21.96
CA TRP B 107 13.19 -28.03 -23.40
C TRP B 107 13.03 -26.61 -23.89
N SER B 108 13.71 -26.28 -24.98
CA SER B 108 13.57 -24.96 -25.57
C SER B 108 12.52 -25.15 -26.69
N ILE B 109 11.34 -24.53 -26.55
CA ILE B 109 10.23 -24.67 -27.52
C ILE B 109 9.82 -23.29 -28.05
N ASN B 110 9.59 -23.17 -29.36
CA ASN B 110 9.13 -21.93 -29.98
C ASN B 110 7.72 -21.61 -29.46
N ARG B 111 7.50 -20.37 -28.93
CA ARG B 111 6.17 -20.06 -28.38
C ARG B 111 5.04 -20.16 -29.42
N ASP B 112 5.26 -19.64 -30.63
CA ASP B 112 4.23 -19.65 -31.67
C ASP B 112 3.85 -21.09 -32.03
N ARG B 113 4.88 -21.99 -32.19
CA ARG B 113 4.65 -23.40 -32.48
C ARG B 113 3.83 -24.05 -31.35
N LEU B 114 4.23 -23.80 -30.08
CA LEU B 114 3.48 -24.34 -28.93
C LEU B 114 2.03 -23.84 -28.97
N ASN B 115 1.84 -22.53 -29.20
CA ASN B 115 0.50 -21.96 -29.25
C ASN B 115 -0.39 -22.60 -30.36
N ARG B 116 0.21 -22.89 -31.53
CA ARG B 116 -0.49 -23.52 -32.66
C ARG B 116 -0.91 -24.93 -32.32
N ILE B 117 -0.03 -25.72 -31.64
CA ILE B 117 -0.33 -27.08 -31.21
C ILE B 117 -1.50 -27.06 -30.19
N LEU B 118 -1.46 -26.10 -29.27
CA LEU B 118 -2.50 -25.94 -28.24
C LEU B 118 -3.83 -25.57 -28.89
N LEU B 119 -3.82 -24.66 -29.88
CA LEU B 119 -5.04 -24.26 -30.63
C LEU B 119 -5.67 -25.45 -31.32
N ASP B 120 -4.85 -26.25 -32.02
CA ASP B 120 -5.32 -27.47 -32.68
C ASP B 120 -5.92 -28.43 -31.63
N GLY B 121 -5.24 -28.57 -30.50
CA GLY B 121 -5.68 -29.43 -29.39
C GLY B 121 -7.02 -29.02 -28.81
N ALA B 122 -7.22 -27.71 -28.59
CA ALA B 122 -8.48 -27.21 -28.03
C ALA B 122 -9.62 -27.47 -29.02
N GLU B 123 -9.36 -27.21 -30.31
CA GLU B 123 -10.36 -27.48 -31.35
C GLU B 123 -10.71 -28.97 -31.51
N ALA B 124 -9.70 -29.85 -31.47
CA ALA B 124 -9.89 -31.30 -31.58
C ALA B 124 -10.81 -31.83 -30.43
N ALA B 125 -10.71 -31.21 -29.23
CA ALA B 125 -11.52 -31.57 -28.05
C ALA B 125 -12.95 -31.02 -28.11
N GLY B 126 -13.23 -30.14 -29.08
CA GLY B 126 -14.55 -29.57 -29.28
C GLY B 126 -14.74 -28.12 -28.91
N ALA B 127 -13.67 -27.41 -28.47
CA ALA B 127 -13.81 -25.97 -28.14
C ALA B 127 -13.97 -25.14 -29.45
N SER B 128 -14.72 -24.04 -29.37
CA SER B 128 -14.86 -23.12 -30.50
C SER B 128 -13.99 -21.91 -30.18
N ILE B 129 -13.08 -21.57 -31.10
CA ILE B 129 -12.17 -20.44 -30.95
C ILE B 129 -12.54 -19.31 -31.92
N HIS B 130 -12.71 -18.11 -31.37
CA HIS B 130 -13.12 -16.90 -32.09
C HIS B 130 -11.99 -15.88 -31.98
N PHE B 131 -11.30 -15.65 -33.08
CA PHE B 131 -10.17 -14.74 -33.17
C PHE B 131 -10.61 -13.34 -33.55
N ASN B 132 -9.67 -12.36 -33.50
CA ASN B 132 -9.94 -10.96 -33.87
C ASN B 132 -11.07 -10.31 -33.01
N LEU B 133 -11.19 -10.77 -31.77
CA LEU B 133 -12.18 -10.26 -30.80
C LEU B 133 -11.53 -10.07 -29.44
N GLY B 134 -11.30 -8.81 -29.09
CA GLY B 134 -10.72 -8.44 -27.82
C GLY B 134 -11.77 -8.06 -26.82
N LEU B 135 -11.70 -8.62 -25.59
CA LEU B 135 -12.63 -8.22 -24.54
C LEU B 135 -12.35 -6.78 -24.15
N ASP B 136 -13.41 -5.96 -24.05
CA ASP B 136 -13.34 -4.55 -23.67
C ASP B 136 -13.88 -4.29 -22.29
N SER B 137 -15.00 -4.95 -21.95
CA SER B 137 -15.67 -4.73 -20.66
C SER B 137 -16.58 -5.90 -20.32
N VAL B 138 -16.92 -5.99 -19.03
CA VAL B 138 -17.80 -7.01 -18.50
C VAL B 138 -18.85 -6.32 -17.63
N ASP B 139 -20.12 -6.72 -17.78
CA ASP B 139 -21.21 -6.27 -16.93
C ASP B 139 -21.53 -7.51 -16.09
N PHE B 140 -20.97 -7.58 -14.89
CA PHE B 140 -21.18 -8.73 -14.01
C PHE B 140 -22.63 -8.92 -13.57
N ALA B 141 -23.34 -7.83 -13.26
CA ALA B 141 -24.73 -7.91 -12.80
C ALA B 141 -25.66 -8.43 -13.91
N ARG B 142 -25.44 -7.98 -15.16
CA ARG B 142 -26.26 -8.42 -16.30
C ARG B 142 -25.70 -9.69 -16.98
N GLN B 143 -24.53 -10.18 -16.52
CA GLN B 143 -23.85 -11.37 -17.06
C GLN B 143 -23.64 -11.22 -18.56
N ARG B 144 -23.16 -10.06 -18.97
CA ARG B 144 -22.90 -9.72 -20.37
C ARG B 144 -21.47 -9.20 -20.53
N LEU B 145 -20.87 -9.42 -21.68
CA LEU B 145 -19.55 -8.86 -21.93
C LEU B 145 -19.52 -8.18 -23.29
N THR B 146 -18.57 -7.28 -23.49
CA THR B 146 -18.41 -6.56 -24.74
C THR B 146 -17.06 -6.87 -25.34
N LEU B 147 -17.07 -7.30 -26.60
CA LEU B 147 -15.87 -7.60 -27.35
C LEU B 147 -15.83 -6.67 -28.57
N SER B 148 -14.64 -6.47 -29.15
CA SER B 148 -14.51 -5.68 -30.38
C SER B 148 -13.32 -6.07 -31.18
N ASN B 149 -13.39 -5.84 -32.50
CA ASN B 149 -12.24 -6.05 -33.38
C ASN B 149 -11.30 -4.81 -33.24
N VAL B 150 -10.17 -4.78 -33.99
CA VAL B 150 -9.19 -3.68 -33.94
C VAL B 150 -9.84 -2.32 -34.33
N SER B 151 -10.85 -2.35 -35.24
CA SER B 151 -11.63 -1.20 -35.72
C SER B 151 -12.62 -0.68 -34.66
N GLY B 152 -12.81 -1.43 -33.57
CA GLY B 152 -13.73 -1.03 -32.50
C GLY B 152 -15.18 -1.39 -32.73
N GLU B 153 -15.49 -2.22 -33.76
CA GLU B 153 -16.86 -2.70 -34.01
C GLU B 153 -17.19 -3.68 -32.87
N ARG B 154 -18.21 -3.34 -32.06
CA ARG B 154 -18.59 -4.09 -30.86
C ARG B 154 -19.52 -5.29 -31.07
N LEU B 155 -19.35 -6.27 -30.19
CA LEU B 155 -20.11 -7.50 -30.16
C LEU B 155 -20.36 -7.79 -28.69
N GLU B 156 -21.65 -7.92 -28.32
CA GLU B 156 -22.07 -8.23 -26.95
C GLU B 156 -22.44 -9.70 -26.87
N LYS B 157 -22.02 -10.37 -25.79
CA LYS B 157 -22.30 -11.78 -25.57
C LYS B 157 -22.72 -12.02 -24.11
N ARG B 158 -23.63 -12.94 -23.92
CA ARG B 158 -24.04 -13.36 -22.59
C ARG B 158 -22.96 -14.37 -22.14
N PHE B 159 -22.70 -14.47 -20.82
CA PHE B 159 -21.78 -15.49 -20.31
C PHE B 159 -22.33 -16.10 -19.01
N HIS B 160 -21.90 -17.31 -18.70
CA HIS B 160 -22.27 -18.03 -17.48
C HIS B 160 -21.05 -18.09 -16.57
N LEU B 161 -19.91 -18.52 -17.10
CA LEU B 161 -18.63 -18.57 -16.38
C LEU B 161 -17.58 -17.91 -17.29
N LEU B 162 -16.81 -17.00 -16.72
CA LEU B 162 -15.79 -16.26 -17.46
C LEU B 162 -14.39 -16.60 -16.93
N ILE B 163 -13.51 -17.09 -17.81
CA ILE B 163 -12.13 -17.38 -17.43
C ILE B 163 -11.21 -16.35 -18.07
N GLY B 164 -10.50 -15.60 -17.23
CA GLY B 164 -9.50 -14.65 -17.71
C GLY B 164 -8.15 -15.29 -17.88
N ALA B 165 -7.82 -15.72 -19.10
CA ALA B 165 -6.53 -16.29 -19.46
C ALA B 165 -5.89 -15.30 -20.46
N ASP B 166 -6.07 -14.01 -20.21
CA ASP B 166 -5.72 -12.95 -21.14
C ASP B 166 -4.42 -12.17 -20.82
N GLY B 167 -3.47 -12.82 -20.16
CA GLY B 167 -2.13 -12.29 -19.98
C GLY B 167 -1.91 -11.22 -18.94
N CYS B 168 -0.65 -10.71 -18.87
CA CYS B 168 -0.26 -9.76 -17.83
CA CYS B 168 -0.20 -9.68 -17.91
C CYS B 168 -1.05 -8.45 -17.86
N ASN B 169 -1.61 -8.05 -19.02
CA ASN B 169 -2.44 -6.83 -19.09
C ASN B 169 -3.95 -7.18 -19.24
N SER B 170 -4.36 -8.26 -18.56
CA SER B 170 -5.71 -8.83 -18.52
C SER B 170 -6.87 -7.80 -18.45
N ALA B 171 -7.75 -7.83 -19.47
CA ALA B 171 -8.99 -7.05 -19.53
C ALA B 171 -10.00 -7.64 -18.52
N VAL B 172 -9.95 -8.98 -18.31
CA VAL B 172 -10.84 -9.62 -17.34
C VAL B 172 -10.47 -9.10 -15.93
N ARG B 173 -9.16 -9.05 -15.60
CA ARG B 173 -8.71 -8.54 -14.30
C ARG B 173 -9.16 -7.08 -14.11
N GLN B 174 -9.03 -6.25 -15.17
CA GLN B 174 -9.46 -4.84 -15.10
C GLN B 174 -10.97 -4.75 -14.82
N ALA B 175 -11.77 -5.59 -15.49
CA ALA B 175 -13.23 -5.62 -15.29
C ALA B 175 -13.60 -6.09 -13.87
N MET B 176 -12.88 -7.10 -13.33
CA MET B 176 -13.12 -7.61 -11.96
C MET B 176 -12.83 -6.52 -10.90
N ALA B 177 -11.68 -5.81 -11.07
CA ALA B 177 -11.19 -4.73 -10.19
C ALA B 177 -12.20 -3.59 -10.02
N SER B 178 -13.21 -3.52 -10.90
CA SER B 178 -14.28 -2.53 -10.81
C SER B 178 -15.46 -2.99 -9.94
N VAL B 179 -15.66 -4.32 -9.75
CA VAL B 179 -16.74 -4.86 -8.92
C VAL B 179 -16.24 -5.37 -7.55
N VAL B 180 -14.94 -5.66 -7.45
CA VAL B 180 -14.30 -6.14 -6.22
C VAL B 180 -12.91 -5.54 -6.08
N ASP B 181 -12.46 -5.28 -4.84
CA ASP B 181 -11.10 -4.82 -4.58
C ASP B 181 -10.25 -6.09 -4.65
N LEU B 182 -9.37 -6.20 -5.67
CA LEU B 182 -8.55 -7.38 -5.83
C LEU B 182 -7.29 -7.41 -4.95
N GLY B 183 -7.06 -6.31 -4.21
CA GLY B 183 -5.91 -6.15 -3.31
C GLY B 183 -4.62 -6.32 -4.07
N GLU B 184 -4.51 -5.63 -5.21
CA GLU B 184 -3.35 -5.72 -6.09
C GLU B 184 -2.15 -5.01 -5.51
N HIS B 185 -0.98 -5.61 -5.68
CA HIS B 185 0.29 -5.04 -5.26
C HIS B 185 1.29 -5.18 -6.39
N LEU B 186 1.68 -4.05 -6.99
CA LEU B 186 2.64 -4.02 -8.09
C LEU B 186 4.05 -3.73 -7.58
N GLU B 187 4.99 -4.56 -7.98
CA GLU B 187 6.40 -4.41 -7.67
C GLU B 187 7.15 -4.29 -9.00
N THR B 188 7.52 -3.08 -9.35
CA THR B 188 8.26 -2.85 -10.59
C THR B 188 9.68 -3.40 -10.46
N GLN B 189 10.27 -3.77 -11.60
CA GLN B 189 11.60 -4.32 -11.60
C GLN B 189 12.57 -3.36 -12.36
N PRO B 190 13.76 -3.05 -11.81
CA PRO B 190 14.66 -2.07 -12.48
C PRO B 190 15.27 -2.50 -13.83
N HIS B 191 15.33 -3.80 -14.11
CA HIS B 191 15.90 -4.30 -15.37
C HIS B 191 14.90 -4.26 -16.51
N GLY B 192 15.37 -3.76 -17.63
CA GLY B 192 14.65 -3.86 -18.89
C GLY B 192 15.26 -5.06 -19.60
N TYR B 193 14.74 -5.44 -20.75
CA TYR B 193 15.34 -6.53 -21.53
C TYR B 193 15.34 -6.22 -22.99
N LYS B 194 16.35 -6.73 -23.70
CA LYS B 194 16.49 -6.55 -25.13
C LYS B 194 16.83 -7.91 -25.75
N GLU B 195 16.14 -8.28 -26.83
CA GLU B 195 16.37 -9.54 -27.53
C GLU B 195 17.27 -9.29 -28.71
N LEU B 196 18.30 -10.15 -28.86
CA LEU B 196 19.29 -10.08 -29.93
C LEU B 196 19.41 -11.49 -30.56
N GLN B 197 19.91 -11.56 -31.79
CA GLN B 197 19.97 -12.84 -32.48
C GLN B 197 21.36 -13.32 -32.77
N ILE B 198 21.54 -14.65 -32.70
CA ILE B 198 22.74 -15.35 -33.15
C ILE B 198 22.21 -16.24 -34.27
N THR B 199 22.76 -16.09 -35.47
CA THR B 199 22.32 -16.86 -36.62
C THR B 199 22.84 -18.31 -36.49
N PRO B 200 22.28 -19.28 -37.24
CA PRO B 200 22.84 -20.65 -37.24
C PRO B 200 24.32 -20.70 -37.67
N GLU B 201 24.74 -19.86 -38.66
CA GLU B 201 26.13 -19.81 -39.14
C GLU B 201 27.09 -19.36 -38.04
N ALA B 202 26.71 -18.26 -37.33
CA ALA B 202 27.53 -17.70 -36.25
C ALA B 202 27.66 -18.65 -35.08
N SER B 203 26.56 -19.27 -34.64
CA SER B 203 26.61 -20.21 -33.50
C SER B 203 27.51 -21.41 -33.87
N ALA B 204 27.42 -21.92 -35.13
CA ALA B 204 28.27 -23.03 -35.60
C ALA B 204 29.74 -22.60 -35.68
N GLN B 205 30.01 -21.39 -36.22
CA GLN B 205 31.38 -20.86 -36.37
C GLN B 205 32.08 -20.75 -35.01
N PHE B 206 31.34 -20.30 -33.98
CA PHE B 206 31.89 -20.09 -32.64
C PHE B 206 31.70 -21.29 -31.71
N ASN B 207 31.20 -22.43 -32.23
CA ASN B 207 30.99 -23.67 -31.46
C ASN B 207 30.07 -23.50 -30.25
N LEU B 208 29.02 -22.66 -30.37
CA LEU B 208 28.07 -22.46 -29.29
C LEU B 208 27.20 -23.69 -29.17
N GLU B 209 27.27 -24.36 -28.00
CA GLU B 209 26.56 -25.61 -27.70
C GLU B 209 25.02 -25.52 -27.89
N PRO B 210 24.43 -26.25 -28.85
CA PRO B 210 22.96 -26.16 -29.03
C PRO B 210 22.16 -26.84 -27.92
N ASN B 211 22.70 -27.89 -27.27
CA ASN B 211 21.88 -28.61 -26.27
C ASN B 211 22.12 -28.14 -24.84
N ALA B 212 22.03 -26.82 -24.62
CA ALA B 212 22.31 -26.21 -23.31
C ALA B 212 21.67 -24.84 -23.25
N LEU B 213 21.41 -24.36 -22.02
CA LEU B 213 20.88 -23.03 -21.75
C LEU B 213 22.13 -22.21 -21.40
N HIS B 214 22.33 -21.08 -22.09
CA HIS B 214 23.57 -20.31 -21.88
C HIS B 214 23.37 -19.08 -21.04
N ILE B 215 24.30 -18.81 -20.12
CA ILE B 215 24.24 -17.63 -19.27
C ILE B 215 25.60 -16.91 -19.28
N TRP B 216 25.59 -15.57 -19.42
CA TRP B 216 26.73 -14.67 -19.30
C TRP B 216 26.51 -13.82 -18.02
N PRO B 217 26.84 -14.33 -16.82
CA PRO B 217 26.64 -13.52 -15.59
C PRO B 217 27.52 -12.26 -15.58
N HIS B 218 26.99 -11.10 -15.13
CA HIS B 218 27.78 -9.86 -15.04
C HIS B 218 27.30 -8.93 -13.88
N GLY B 219 26.83 -9.53 -12.79
CA GLY B 219 26.36 -8.82 -11.61
C GLY B 219 25.01 -8.17 -11.78
N ASP B 220 25.00 -6.83 -11.87
CA ASP B 220 23.76 -6.05 -12.05
C ASP B 220 23.14 -6.19 -13.43
N TYR B 221 23.87 -6.80 -14.39
CA TYR B 221 23.35 -7.08 -15.73
C TYR B 221 23.82 -8.45 -16.18
N MET B 222 23.19 -9.02 -17.20
CA MET B 222 23.55 -10.35 -17.69
C MET B 222 22.88 -10.66 -19.01
N CYS B 223 23.37 -11.69 -19.68
CA CYS B 223 22.72 -12.19 -20.90
C CYS B 223 22.35 -13.65 -20.66
N ILE B 224 21.30 -14.11 -21.34
CA ILE B 224 20.88 -15.52 -21.37
C ILE B 224 20.65 -15.88 -22.85
N ALA B 225 20.86 -17.14 -23.24
CA ALA B 225 20.57 -17.54 -24.62
C ALA B 225 19.92 -18.89 -24.63
N LEU B 226 18.85 -19.03 -25.42
CA LEU B 226 18.17 -20.30 -25.61
C LEU B 226 18.30 -20.72 -27.07
N PRO B 227 18.55 -22.01 -27.31
CA PRO B 227 18.69 -22.48 -28.70
C PRO B 227 17.37 -22.66 -29.43
N ASN B 228 17.40 -22.53 -30.76
CA ASN B 228 16.27 -22.83 -31.65
C ASN B 228 16.63 -24.10 -32.42
N LEU B 229 15.61 -24.77 -33.02
CA LEU B 229 15.78 -26.01 -33.78
C LEU B 229 16.78 -25.86 -34.91
N ASP B 230 16.82 -24.67 -35.51
CA ASP B 230 17.68 -24.41 -36.65
C ASP B 230 19.07 -23.92 -36.27
N ARG B 231 19.45 -24.07 -34.98
CA ARG B 231 20.76 -23.68 -34.44
C ARG B 231 20.94 -22.16 -34.25
N SER B 232 19.91 -21.37 -34.54
CA SER B 232 19.99 -19.94 -34.21
C SER B 232 19.72 -19.89 -32.70
N PHE B 233 20.05 -18.74 -32.08
CA PHE B 233 19.82 -18.53 -30.66
C PHE B 233 19.21 -17.16 -30.47
N THR B 234 18.28 -17.04 -29.52
CA THR B 234 17.77 -15.72 -29.11
C THR B 234 18.50 -15.36 -27.82
N VAL B 235 19.28 -14.28 -27.86
CA VAL B 235 20.04 -13.79 -26.72
C VAL B 235 19.19 -12.69 -26.02
N THR B 236 19.01 -12.78 -24.68
CA THR B 236 18.30 -11.74 -23.95
C THR B 236 19.24 -11.05 -22.99
N LEU B 237 19.39 -9.74 -23.16
CA LEU B 237 20.19 -8.89 -22.28
C LEU B 237 19.26 -8.34 -21.19
N PHE B 238 19.63 -8.51 -19.93
CA PHE B 238 18.87 -7.93 -18.80
C PHE B 238 19.76 -6.81 -18.27
N LEU B 239 19.28 -5.58 -18.30
CA LEU B 239 20.08 -4.40 -17.92
C LEU B 239 19.17 -3.29 -17.38
N HIS B 240 19.64 -2.57 -16.33
CA HIS B 240 18.85 -1.47 -15.75
C HIS B 240 18.39 -0.49 -16.80
N HIS B 241 17.12 -0.08 -16.74
CA HIS B 241 16.60 0.95 -17.63
C HIS B 241 17.44 2.24 -17.45
N GLN B 242 17.70 2.59 -16.16
CA GLN B 242 18.41 3.81 -15.77
C GLN B 242 19.51 3.57 -14.76
N SER B 243 20.56 4.40 -14.80
CA SER B 243 21.71 4.36 -13.90
C SER B 243 21.30 4.96 -12.54
N PRO B 244 21.54 4.28 -11.38
CA PRO B 244 21.11 4.85 -10.09
C PRO B 244 21.91 6.07 -9.67
N ALA B 245 21.41 6.81 -8.66
CA ALA B 245 22.03 8.02 -8.10
C ALA B 245 23.41 7.73 -7.49
N ALA B 246 23.53 6.60 -6.74
CA ALA B 246 24.77 6.17 -6.08
C ALA B 246 25.85 5.72 -7.08
N GLN B 247 25.43 5.15 -8.22
CA GLN B 247 26.32 4.67 -9.28
C GLN B 247 25.95 5.33 -10.62
N PRO B 248 26.23 6.65 -10.84
CA PRO B 248 25.84 7.29 -12.11
C PRO B 248 26.54 6.77 -13.36
N ALA B 249 27.76 6.20 -13.19
CA ALA B 249 28.58 5.64 -14.27
C ALA B 249 28.27 4.17 -14.61
N SER B 250 27.45 3.49 -13.75
CA SER B 250 27.09 2.08 -13.95
C SER B 250 26.24 1.86 -15.21
N PRO B 251 26.49 0.77 -15.98
CA PRO B 251 25.73 0.55 -17.24
C PRO B 251 24.20 0.54 -17.10
N SER B 252 23.53 1.09 -18.11
CA SER B 252 22.07 1.13 -18.21
C SER B 252 21.66 1.35 -19.66
N PHE B 253 20.40 1.04 -20.00
CA PHE B 253 19.88 1.24 -21.36
C PHE B 253 19.90 2.73 -21.75
N ALA B 254 19.70 3.64 -20.77
CA ALA B 254 19.71 5.09 -20.98
C ALA B 254 21.04 5.56 -21.57
N GLN B 255 22.15 4.90 -21.18
CA GLN B 255 23.51 5.18 -21.65
C GLN B 255 23.80 4.63 -23.04
N LEU B 256 22.99 3.67 -23.52
CA LEU B 256 23.20 3.07 -24.84
C LEU B 256 22.23 3.68 -25.84
N VAL B 257 22.65 4.81 -26.43
CA VAL B 257 21.87 5.64 -27.36
C VAL B 257 21.52 4.97 -28.69
N ASP B 258 22.48 4.21 -29.24
CA ASP B 258 22.30 3.54 -30.52
C ASP B 258 23.02 2.19 -30.51
N GLY B 259 22.93 1.48 -31.63
CA GLY B 259 23.57 0.17 -31.78
C GLY B 259 25.07 0.19 -31.63
N HIS B 260 25.71 1.32 -32.03
CA HIS B 260 27.16 1.49 -31.94
C HIS B 260 27.64 1.55 -30.49
N ALA B 261 26.88 2.22 -29.61
CA ALA B 261 27.17 2.29 -28.17
C ALA B 261 26.99 0.86 -27.58
N ALA B 262 25.89 0.18 -27.96
CA ALA B 262 25.61 -1.21 -27.52
C ALA B 262 26.75 -2.15 -27.92
N ARG B 263 27.28 -2.00 -29.16
CA ARG B 263 28.41 -2.78 -29.65
C ARG B 263 29.66 -2.60 -28.76
N ARG B 264 30.03 -1.34 -28.44
CA ARG B 264 31.20 -1.03 -27.59
C ARG B 264 31.02 -1.67 -26.20
N PHE B 265 29.80 -1.54 -25.63
CA PHE B 265 29.42 -2.15 -24.35
C PHE B 265 29.64 -3.69 -24.39
N PHE B 266 29.15 -4.37 -25.45
CA PHE B 266 29.33 -5.83 -25.58
C PHE B 266 30.79 -6.21 -25.79
N GLN B 267 31.53 -5.46 -26.63
CA GLN B 267 32.95 -5.76 -26.83
C GLN B 267 33.74 -5.68 -25.52
N ARG B 268 33.42 -4.67 -24.68
CA ARG B 268 34.07 -4.45 -23.37
C ARG B 268 33.62 -5.40 -22.25
N GLN B 269 32.28 -5.64 -22.09
CA GLN B 269 31.67 -6.43 -20.99
C GLN B 269 31.37 -7.89 -21.34
N PHE B 270 31.05 -8.21 -22.60
CA PHE B 270 30.77 -9.57 -23.05
C PHE B 270 31.66 -9.90 -24.29
N PRO B 271 33.02 -9.87 -24.16
CA PRO B 271 33.88 -10.08 -25.36
C PRO B 271 33.72 -11.40 -26.11
N ASP B 272 33.42 -12.50 -25.42
CA ASP B 272 33.23 -13.81 -26.06
C ASP B 272 31.85 -13.92 -26.77
N LEU B 273 30.92 -13.00 -26.43
CA LEU B 273 29.56 -12.97 -26.96
C LEU B 273 29.37 -12.03 -28.17
N SER B 274 29.94 -10.82 -28.08
CA SER B 274 29.88 -9.80 -29.15
C SER B 274 30.18 -10.34 -30.58
N PRO B 275 31.24 -11.16 -30.85
CA PRO B 275 31.47 -11.65 -32.22
C PRO B 275 30.35 -12.50 -32.79
N MET B 276 29.50 -13.11 -31.93
CA MET B 276 28.39 -13.95 -32.38
C MET B 276 27.15 -13.17 -32.76
N LEU B 277 27.08 -11.92 -32.32
CA LEU B 277 25.91 -11.07 -32.55
C LEU B 277 26.17 -10.18 -33.76
N ASP B 278 25.95 -10.72 -34.97
CA ASP B 278 26.19 -9.97 -36.22
C ASP B 278 25.28 -8.77 -36.42
N SER B 279 24.00 -8.92 -36.08
CA SER B 279 23.03 -7.82 -36.23
C SER B 279 22.81 -7.07 -34.92
N LEU B 280 23.79 -7.09 -33.99
CA LEU B 280 23.69 -6.42 -32.69
C LEU B 280 23.14 -4.99 -32.83
N GLU B 281 23.80 -4.15 -33.65
CA GLU B 281 23.42 -2.74 -33.89
C GLU B 281 21.96 -2.63 -34.31
N GLN B 282 21.56 -3.39 -35.35
CA GLN B 282 20.20 -3.40 -35.89
C GLN B 282 19.19 -3.89 -34.85
N ASP B 283 19.45 -5.07 -34.23
CA ASP B 283 18.58 -5.68 -33.21
C ASP B 283 18.34 -4.69 -32.06
N PHE B 284 19.41 -4.04 -31.57
CA PHE B 284 19.30 -3.08 -30.47
C PHE B 284 18.44 -1.87 -30.76
N GLU B 285 18.51 -1.35 -32.01
CA GLU B 285 17.73 -0.18 -32.41
C GLU B 285 16.29 -0.50 -32.83
N HIS B 286 16.04 -1.70 -33.39
CA HIS B 286 14.72 -2.05 -33.92
C HIS B 286 13.84 -2.89 -32.98
N HIS B 287 14.45 -3.54 -31.98
CA HIS B 287 13.69 -4.33 -31.01
C HIS B 287 13.44 -3.44 -29.77
N PRO B 288 12.18 -3.27 -29.30
CA PRO B 288 11.97 -2.40 -28.12
C PRO B 288 12.46 -3.02 -26.82
N THR B 289 12.82 -2.17 -25.85
CA THR B 289 13.25 -2.61 -24.53
C THR B 289 11.98 -3.01 -23.78
N GLY B 290 11.92 -4.27 -23.36
CA GLY B 290 10.78 -4.79 -22.62
C GLY B 290 10.83 -4.41 -21.16
N LYS B 291 9.69 -4.40 -20.50
CA LYS B 291 9.61 -4.07 -19.07
C LYS B 291 9.26 -5.30 -18.27
N LEU B 292 9.76 -5.38 -17.04
CA LEU B 292 9.51 -6.50 -16.13
C LEU B 292 8.80 -6.05 -14.87
N ALA B 293 8.00 -6.94 -14.25
CA ALA B 293 7.27 -6.64 -13.01
C ALA B 293 6.64 -7.88 -12.37
N THR B 294 6.36 -7.75 -11.09
CA THR B 294 5.66 -8.75 -10.28
C THR B 294 4.35 -8.08 -9.83
N LEU B 295 3.22 -8.73 -10.11
CA LEU B 295 1.91 -8.23 -9.67
C LEU B 295 1.24 -9.34 -8.87
N ARG B 296 0.91 -9.04 -7.61
CA ARG B 296 0.31 -9.98 -6.68
C ARG B 296 -1.11 -9.54 -6.37
N LEU B 297 -2.06 -10.47 -6.41
CA LEU B 297 -3.46 -10.17 -6.09
C LEU B 297 -3.91 -10.97 -4.89
N THR B 298 -4.72 -10.34 -4.05
CA THR B 298 -5.31 -11.01 -2.89
C THR B 298 -6.43 -11.92 -3.38
N THR B 299 -7.16 -11.47 -4.41
CA THR B 299 -8.35 -12.13 -4.96
C THR B 299 -8.17 -12.42 -6.45
N TRP B 300 -8.48 -13.65 -6.88
CA TRP B 300 -8.41 -14.07 -8.28
C TRP B 300 -9.80 -14.35 -8.87
N HIS B 301 -10.87 -14.29 -8.06
CA HIS B 301 -12.20 -14.61 -8.59
C HIS B 301 -13.30 -13.70 -8.07
N VAL B 302 -14.44 -13.65 -8.80
CA VAL B 302 -15.64 -12.91 -8.41
C VAL B 302 -16.74 -13.97 -8.30
N GLY B 303 -17.07 -14.40 -7.06
CA GLY B 303 -18.07 -15.42 -6.79
C GLY B 303 -17.84 -16.65 -7.64
N GLY B 304 -18.88 -17.08 -8.35
CA GLY B 304 -18.78 -18.20 -9.30
C GLY B 304 -18.82 -17.72 -10.74
N GLN B 305 -18.68 -16.39 -10.94
CA GLN B 305 -18.79 -15.78 -12.27
C GLN B 305 -17.52 -15.66 -13.06
N ALA B 306 -16.40 -15.34 -12.39
CA ALA B 306 -15.17 -15.09 -13.14
C ALA B 306 -13.96 -15.47 -12.33
N VAL B 307 -12.92 -15.93 -13.03
CA VAL B 307 -11.66 -16.31 -12.38
C VAL B 307 -10.48 -15.95 -13.31
N LEU B 308 -9.33 -15.70 -12.71
CA LEU B 308 -8.09 -15.43 -13.43
C LEU B 308 -7.12 -16.60 -13.29
N LEU B 309 -6.27 -16.77 -14.28
CA LEU B 309 -5.18 -17.77 -14.21
C LEU B 309 -4.01 -17.35 -15.10
N GLY B 310 -2.85 -17.96 -14.87
CA GLY B 310 -1.64 -17.63 -15.60
C GLY B 310 -1.19 -16.21 -15.33
N ASP B 311 -0.66 -15.54 -16.36
CA ASP B 311 -0.19 -14.15 -16.30
C ASP B 311 -1.29 -13.16 -15.91
N ALA B 312 -2.56 -13.47 -16.24
CA ALA B 312 -3.69 -12.62 -15.82
C ALA B 312 -3.77 -12.55 -14.29
N ALA B 313 -3.48 -13.68 -13.60
CA ALA B 313 -3.55 -13.76 -12.13
C ALA B 313 -2.26 -13.36 -11.43
N HIS B 314 -1.11 -13.69 -12.02
CA HIS B 314 0.14 -13.47 -11.32
C HIS B 314 1.36 -13.14 -12.22
N PRO B 315 1.39 -11.95 -12.87
CA PRO B 315 2.60 -11.55 -13.64
C PRO B 315 3.86 -11.71 -12.74
N MET B 316 4.92 -12.27 -13.30
CA MET B 316 6.15 -12.53 -12.56
C MET B 316 7.36 -12.16 -13.41
N VAL B 317 8.54 -11.99 -12.78
CA VAL B 317 9.79 -11.73 -13.50
C VAL B 317 10.19 -13.04 -14.21
N PRO B 318 10.82 -13.02 -15.42
CA PRO B 318 11.10 -14.29 -16.15
C PRO B 318 12.37 -15.03 -15.74
N PHE B 319 12.99 -14.63 -14.62
CA PHE B 319 14.31 -15.14 -14.21
C PHE B 319 14.39 -16.62 -13.81
N HIS B 320 13.25 -17.30 -13.67
CA HIS B 320 13.26 -18.73 -13.40
C HIS B 320 12.75 -19.55 -14.61
N GLY B 321 12.26 -18.88 -15.67
CA GLY B 321 11.70 -19.57 -16.85
C GLY B 321 10.54 -20.45 -16.41
N GLN B 322 9.67 -19.90 -15.54
CA GLN B 322 8.57 -20.68 -14.96
C GLN B 322 7.16 -20.13 -15.21
N GLY B 323 7.05 -18.97 -15.84
CA GLY B 323 5.75 -18.33 -16.09
C GLY B 323 4.78 -19.20 -16.89
N MET B 324 5.24 -19.73 -18.04
CA MET B 324 4.40 -20.62 -18.86
C MET B 324 4.16 -21.92 -18.08
N ASN B 325 5.22 -22.46 -17.43
CA ASN B 325 5.13 -23.72 -16.67
C ASN B 325 4.08 -23.59 -15.59
N CYS B 326 4.07 -22.45 -14.89
CA CYS B 326 3.09 -22.15 -13.84
C CYS B 326 1.67 -21.99 -14.46
N ALA B 327 1.56 -21.29 -15.61
CA ALA B 327 0.27 -21.04 -16.28
C ALA B 327 -0.36 -22.38 -16.72
N LEU B 328 0.46 -23.32 -17.25
CA LEU B 328 -0.04 -24.64 -17.66
C LEU B 328 -0.46 -25.46 -16.45
N GLU B 329 0.33 -25.40 -15.37
CA GLU B 329 0.00 -26.04 -14.10
C GLU B 329 -1.35 -25.46 -13.56
N ASP B 330 -1.57 -24.11 -13.68
CA ASP B 330 -2.83 -23.47 -13.25
C ASP B 330 -4.01 -24.02 -14.05
N ALA B 331 -3.82 -24.16 -15.36
CA ALA B 331 -4.84 -24.64 -16.29
C ALA B 331 -5.36 -26.02 -15.87
N VAL B 332 -4.44 -26.93 -15.53
CA VAL B 332 -4.76 -28.28 -15.03
C VAL B 332 -5.58 -28.19 -13.75
N ALA B 333 -5.13 -27.38 -12.77
CA ALA B 333 -5.81 -27.25 -11.47
C ALA B 333 -7.19 -26.68 -11.64
N LEU B 334 -7.31 -25.66 -12.51
CA LEU B 334 -8.61 -25.02 -12.74
C LEU B 334 -9.59 -26.00 -13.37
N ALA B 335 -9.14 -26.74 -14.40
CA ALA B 335 -10.00 -27.72 -15.07
C ALA B 335 -10.46 -28.80 -14.08
N GLU B 336 -9.55 -29.27 -13.20
CA GLU B 336 -9.86 -30.29 -12.18
C GLU B 336 -10.92 -29.82 -11.20
N HIS B 337 -10.75 -28.58 -10.67
CA HIS B 337 -11.68 -28.00 -9.68
C HIS B 337 -13.04 -27.77 -10.32
N LEU B 338 -13.05 -27.22 -11.55
CA LEU B 338 -14.30 -26.96 -12.25
C LEU B 338 -15.06 -28.26 -12.55
N GLN B 339 -14.33 -29.29 -12.96
CA GLN B 339 -14.96 -30.55 -13.32
C GLN B 339 -15.66 -31.26 -12.16
N SER B 340 -15.03 -31.22 -10.98
CA SER B 340 -15.44 -31.97 -9.79
CA SER B 340 -15.47 -31.97 -9.81
C SER B 340 -16.14 -31.20 -8.67
N ALA B 341 -16.28 -29.87 -8.78
CA ALA B 341 -16.89 -29.16 -7.63
C ALA B 341 -18.41 -29.25 -7.57
N ALA B 342 -19.00 -28.87 -6.42
CA ALA B 342 -20.45 -28.85 -6.20
C ALA B 342 -21.09 -27.83 -7.16
N ASP B 343 -20.41 -26.70 -7.35
CA ASP B 343 -20.84 -25.58 -8.22
C ASP B 343 -19.61 -24.73 -8.59
N ASN B 344 -19.78 -23.77 -9.52
CA ASN B 344 -18.67 -22.91 -9.97
C ASN B 344 -18.08 -22.04 -8.87
N ALA B 345 -18.92 -21.48 -7.95
CA ALA B 345 -18.40 -20.66 -6.85
C ALA B 345 -17.42 -21.45 -5.94
N SER B 346 -17.79 -22.70 -5.60
CA SER B 346 -16.93 -23.58 -4.76
C SER B 346 -15.64 -23.91 -5.51
N ALA B 347 -15.73 -24.22 -6.82
CA ALA B 347 -14.59 -24.53 -7.69
C ALA B 347 -13.57 -23.38 -7.71
N LEU B 348 -14.06 -22.13 -7.92
CA LEU B 348 -13.20 -20.95 -8.02
C LEU B 348 -12.52 -20.63 -6.71
N ALA B 349 -13.27 -20.73 -5.59
CA ALA B 349 -12.74 -20.49 -4.24
C ALA B 349 -11.68 -21.55 -3.93
N ALA B 350 -11.94 -22.84 -4.25
CA ALA B 350 -10.96 -23.92 -4.00
C ALA B 350 -9.70 -23.80 -4.89
N PHE B 351 -9.88 -23.47 -6.19
CA PHE B 351 -8.76 -23.26 -7.13
C PHE B 351 -7.83 -22.15 -6.59
N THR B 352 -8.44 -20.99 -6.24
CA THR B 352 -7.71 -19.82 -5.72
C THR B 352 -6.95 -20.20 -4.42
N ALA B 353 -7.61 -20.88 -3.47
CA ALA B 353 -6.99 -21.28 -2.21
C ALA B 353 -5.82 -22.23 -2.47
N GLN B 354 -5.95 -23.13 -3.43
CA GLN B 354 -4.84 -24.03 -3.75
C GLN B 354 -3.66 -23.31 -4.43
N ARG B 355 -3.94 -22.50 -5.47
CA ARG B 355 -2.87 -21.93 -6.32
C ARG B 355 -2.23 -20.64 -5.82
N GLN B 356 -2.97 -19.79 -5.11
CA GLN B 356 -2.38 -18.53 -4.62
C GLN B 356 -1.06 -18.68 -3.82
N PRO B 357 -0.93 -19.58 -2.82
CA PRO B 357 0.35 -19.68 -2.11
C PRO B 357 1.46 -20.13 -3.06
N ASP B 358 1.14 -21.00 -4.03
CA ASP B 358 2.12 -21.48 -5.00
C ASP B 358 2.56 -20.39 -5.98
N ALA B 359 1.62 -19.55 -6.49
CA ALA B 359 1.98 -18.44 -7.38
C ALA B 359 2.88 -17.44 -6.64
N LEU B 360 2.56 -17.14 -5.36
CA LEU B 360 3.39 -16.24 -4.55
C LEU B 360 4.81 -16.80 -4.40
N ALA B 361 4.93 -18.11 -4.16
CA ALA B 361 6.22 -18.78 -3.98
C ALA B 361 7.06 -18.68 -5.24
N ILE B 362 6.49 -18.98 -6.43
CA ILE B 362 7.26 -18.88 -7.68
C ILE B 362 7.59 -17.42 -8.03
N GLN B 363 6.71 -16.47 -7.70
CA GLN B 363 7.03 -15.06 -7.93
C GLN B 363 8.27 -14.65 -7.12
N ALA B 364 8.33 -15.09 -5.84
CA ALA B 364 9.44 -14.79 -4.92
C ALA B 364 10.72 -15.49 -5.39
N MET B 365 10.63 -16.78 -5.75
CA MET B 365 11.79 -17.55 -6.22
C MET B 365 12.34 -17.04 -7.55
N ALA B 366 11.45 -16.55 -8.45
CA ALA B 366 11.86 -15.98 -9.73
C ALA B 366 12.70 -14.71 -9.49
N LEU B 367 12.26 -13.86 -8.56
CA LEU B 367 13.02 -12.65 -8.21
C LEU B 367 14.41 -13.03 -7.64
N GLU B 368 14.45 -14.03 -6.75
CA GLU B 368 15.69 -14.46 -6.10
C GLU B 368 16.64 -15.11 -7.09
N ASN B 369 16.11 -15.81 -8.11
CA ASN B 369 16.96 -16.50 -9.09
C ASN B 369 17.86 -15.55 -9.90
N TYR B 370 17.53 -14.24 -9.99
CA TYR B 370 18.37 -13.28 -10.70
C TYR B 370 19.80 -13.24 -10.11
N VAL B 371 19.94 -13.00 -8.79
CA VAL B 371 21.24 -12.96 -8.10
C VAL B 371 21.98 -14.29 -8.23
N GLU B 372 21.26 -15.43 -8.14
CA GLU B 372 21.86 -16.77 -8.32
C GLU B 372 22.53 -16.88 -9.69
N MET B 373 21.80 -16.50 -10.75
CA MET B 373 22.33 -16.57 -12.11
C MET B 373 23.43 -15.55 -12.40
N SER B 374 23.28 -14.33 -11.89
CA SER B 374 24.19 -13.25 -12.27
C SER B 374 25.34 -12.94 -11.31
N SER B 375 25.14 -13.12 -10.01
CA SER B 375 26.13 -12.76 -9.00
C SER B 375 26.72 -13.94 -8.24
N LYS B 376 25.85 -14.87 -7.80
CA LYS B 376 26.25 -16.03 -6.99
C LYS B 376 27.21 -16.99 -7.69
N VAL B 377 26.93 -17.38 -8.96
CA VAL B 377 27.77 -18.31 -9.76
C VAL B 377 29.26 -17.91 -9.85
N ALA B 378 29.58 -16.61 -9.65
CA ALA B 378 30.92 -16.05 -9.71
C ALA B 378 31.50 -15.66 -8.32
N SER B 379 30.89 -16.21 -7.24
CA SER B 379 31.31 -15.97 -5.85
C SER B 379 31.98 -17.23 -5.26
N PRO B 380 33.10 -17.10 -4.50
CA PRO B 380 33.75 -18.31 -3.94
C PRO B 380 32.90 -19.05 -2.89
N THR B 381 32.19 -18.28 -2.03
CA THR B 381 31.32 -18.76 -0.95
C THR B 381 30.15 -19.59 -1.48
N TYR B 382 29.57 -19.20 -2.66
CA TYR B 382 28.45 -19.90 -3.30
C TYR B 382 28.91 -21.26 -3.83
N LEU B 383 30.09 -21.30 -4.50
CA LEU B 383 30.65 -22.52 -5.08
C LEU B 383 30.95 -23.59 -4.02
N LEU B 384 31.29 -23.15 -2.79
CA LEU B 384 31.53 -24.03 -1.65
C LEU B 384 30.19 -24.59 -1.15
N GLU B 385 29.16 -23.71 -1.07
CA GLU B 385 27.79 -24.05 -0.66
C GLU B 385 27.20 -25.04 -1.67
N ARG B 386 27.48 -24.83 -2.98
CA ARG B 386 27.00 -25.66 -4.09
C ARG B 386 27.68 -27.04 -4.00
N GLU B 387 28.96 -27.05 -3.63
CA GLU B 387 29.79 -28.24 -3.44
C GLU B 387 29.17 -29.07 -2.31
N LEU B 388 28.96 -28.44 -1.14
CA LEU B 388 28.33 -29.06 0.03
C LEU B 388 26.91 -29.53 -0.28
N GLY B 389 26.16 -28.70 -0.97
CA GLY B 389 24.79 -29.00 -1.40
C GLY B 389 24.75 -30.29 -2.21
N GLN B 390 25.75 -30.47 -3.12
CA GLN B 390 25.86 -31.65 -3.99
C GLN B 390 26.15 -32.91 -3.17
N ILE B 391 27.03 -32.79 -2.15
CA ILE B 391 27.36 -33.90 -1.26
C ILE B 391 26.12 -34.28 -0.46
N MET B 392 25.36 -33.28 0.04
CA MET B 392 24.15 -33.51 0.84
C MET B 392 23.04 -34.16 0.01
N ALA B 393 22.94 -33.76 -1.27
CA ALA B 393 21.99 -34.31 -2.24
C ALA B 393 22.42 -35.76 -2.58
N GLN B 394 23.74 -36.05 -2.58
CA GLN B 394 24.27 -37.39 -2.82
C GLN B 394 24.03 -38.29 -1.61
N ARG B 395 24.21 -37.76 -0.38
CA ARG B 395 24.05 -38.51 0.85
C ARG B 395 22.60 -38.73 1.24
N GLN B 396 21.74 -37.70 1.01
CA GLN B 396 20.33 -37.74 1.37
C GLN B 396 19.46 -37.28 0.16
N PRO B 397 19.38 -38.07 -0.96
CA PRO B 397 18.59 -37.61 -2.13
C PRO B 397 17.07 -37.49 -1.94
N THR B 398 16.52 -37.98 -0.82
CA THR B 398 15.07 -37.88 -0.56
C THR B 398 14.74 -36.74 0.44
N ARG B 399 15.78 -36.11 0.99
CA ARG B 399 15.62 -35.01 1.96
C ARG B 399 16.20 -33.72 1.40
N PHE B 400 17.43 -33.78 0.88
CA PHE B 400 18.10 -32.63 0.31
C PHE B 400 17.97 -32.66 -1.21
N ILE B 401 17.01 -31.88 -1.73
CA ILE B 401 16.78 -31.74 -3.17
C ILE B 401 17.02 -30.26 -3.45
N PRO B 402 18.08 -29.90 -4.19
CA PRO B 402 18.34 -28.47 -4.45
C PRO B 402 17.10 -27.75 -4.96
N ARG B 403 16.86 -26.54 -4.46
CA ARG B 403 15.66 -25.78 -4.82
C ARG B 403 15.46 -25.69 -6.34
N TYR B 404 16.54 -25.40 -7.10
CA TYR B 404 16.40 -25.32 -8.55
C TYR B 404 15.78 -26.63 -9.11
N SER B 405 16.24 -27.80 -8.62
CA SER B 405 15.71 -29.11 -9.04
C SER B 405 14.25 -29.31 -8.61
N MET B 406 13.87 -28.90 -7.38
CA MET B 406 12.49 -28.98 -6.86
C MET B 406 11.53 -28.18 -7.76
N VAL B 407 11.93 -26.96 -8.13
CA VAL B 407 11.14 -26.06 -9.01
C VAL B 407 11.06 -26.61 -10.44
N THR B 408 12.23 -26.91 -11.02
CA THR B 408 12.34 -27.27 -12.43
C THR B 408 11.99 -28.70 -12.79
N PHE B 409 12.35 -29.70 -11.95
CA PHE B 409 12.19 -31.12 -12.33
C PHE B 409 11.20 -31.91 -11.52
N SER B 410 10.48 -31.24 -10.62
CA SER B 410 9.47 -31.92 -9.82
C SER B 410 8.16 -31.15 -9.86
N ARG B 411 7.11 -31.77 -9.33
CA ARG B 411 5.80 -31.14 -9.28
C ARG B 411 5.42 -30.82 -7.86
N LEU B 412 6.42 -30.80 -6.97
CA LEU B 412 6.18 -30.44 -5.59
C LEU B 412 5.53 -29.04 -5.59
N PRO B 413 4.43 -28.80 -4.83
CA PRO B 413 3.85 -27.44 -4.82
C PRO B 413 4.95 -26.39 -4.61
N TYR B 414 4.95 -25.32 -5.43
CA TYR B 414 5.96 -24.25 -5.33
C TYR B 414 6.21 -23.78 -3.90
N ALA B 415 5.13 -23.63 -3.08
CA ALA B 415 5.27 -23.17 -1.69
C ALA B 415 6.07 -24.15 -0.86
N GLN B 416 5.91 -25.47 -1.08
CA GLN B 416 6.72 -26.48 -0.37
C GLN B 416 8.19 -26.44 -0.87
N ALA B 417 8.38 -26.24 -2.19
CA ALA B 417 9.72 -26.11 -2.79
C ALA B 417 10.45 -24.91 -2.15
N MET B 418 9.75 -23.77 -2.02
CA MET B 418 10.35 -22.59 -1.41
C MET B 418 10.67 -22.80 0.08
N ALA B 419 9.73 -23.39 0.84
CA ALA B 419 9.88 -23.63 2.28
C ALA B 419 11.08 -24.55 2.56
N ARG B 420 11.17 -25.68 1.84
CA ARG B 420 12.27 -26.63 1.95
C ARG B 420 13.57 -25.97 1.47
N GLY B 421 13.49 -25.13 0.42
CA GLY B 421 14.63 -24.38 -0.11
C GLY B 421 15.25 -23.45 0.92
N GLN B 422 14.41 -22.75 1.70
CA GLN B 422 14.85 -21.84 2.76
C GLN B 422 15.62 -22.59 3.87
N ILE B 423 15.13 -23.78 4.28
CA ILE B 423 15.79 -24.63 5.28
C ILE B 423 17.18 -25.04 4.77
N GLN B 424 17.27 -25.40 3.47
CA GLN B 424 18.50 -25.84 2.81
C GLN B 424 19.50 -24.69 2.69
N GLU B 425 19.02 -23.52 2.27
CA GLU B 425 19.83 -22.29 2.14
C GLU B 425 20.47 -21.95 3.49
N GLN B 426 19.66 -21.97 4.57
CA GLN B 426 20.12 -21.68 5.94
C GLN B 426 21.15 -22.72 6.41
N LEU B 427 20.88 -24.02 6.18
CA LEU B 427 21.78 -25.13 6.52
C LEU B 427 23.12 -24.96 5.85
N LEU B 428 23.13 -24.70 4.53
CA LEU B 428 24.39 -24.55 3.77
C LEU B 428 25.18 -23.33 4.21
N LYS B 429 24.50 -22.17 4.35
CA LYS B 429 25.10 -20.91 4.78
C LYS B 429 25.77 -21.02 6.15
N PHE B 430 25.11 -21.63 7.13
CA PHE B 430 25.70 -21.75 8.46
C PHE B 430 26.83 -22.77 8.51
N ALA B 431 26.72 -23.80 7.68
CA ALA B 431 27.72 -24.85 7.53
C ALA B 431 29.04 -24.34 6.89
N VAL B 432 28.95 -23.48 5.85
CA VAL B 432 30.18 -23.01 5.17
C VAL B 432 30.80 -21.73 5.79
N ALA B 433 30.01 -20.93 6.54
CA ALA B 433 30.51 -19.69 7.13
C ALA B 433 31.76 -19.93 7.97
N ASN B 434 32.79 -19.06 7.78
CA ASN B 434 34.07 -19.06 8.47
C ASN B 434 34.93 -20.29 8.13
N HIS B 435 34.64 -20.92 6.98
CA HIS B 435 35.39 -22.05 6.43
C HIS B 435 35.79 -21.73 5.00
N SER B 436 37.09 -21.90 4.69
CA SER B 436 37.65 -21.60 3.36
C SER B 436 37.39 -22.72 2.38
N ASP B 437 37.41 -23.98 2.85
CA ASP B 437 37.20 -25.14 1.99
C ASP B 437 36.46 -26.28 2.68
N LEU B 438 36.07 -27.28 1.90
CA LEU B 438 35.33 -28.47 2.32
C LEU B 438 36.02 -29.32 3.41
N THR B 439 37.39 -29.37 3.44
CA THR B 439 38.16 -30.18 4.39
C THR B 439 37.92 -29.76 5.84
N SER B 440 37.67 -28.45 6.05
CA SER B 440 37.43 -27.87 7.35
C SER B 440 35.96 -28.05 7.79
N ILE B 441 35.03 -28.27 6.84
CA ILE B 441 33.60 -28.46 7.14
C ILE B 441 33.34 -29.92 7.56
N ASN B 442 32.67 -30.11 8.71
CA ASN B 442 32.28 -31.44 9.20
C ASN B 442 31.01 -31.82 8.43
N LEU B 443 31.17 -32.70 7.43
CA LEU B 443 30.10 -33.18 6.54
C LEU B 443 28.99 -33.92 7.30
N ASP B 444 29.39 -34.82 8.22
CA ASP B 444 28.47 -35.63 9.04
C ASP B 444 27.56 -34.79 9.94
N ALA B 445 28.08 -33.64 10.43
CA ALA B 445 27.32 -32.68 11.24
C ALA B 445 26.28 -32.00 10.37
N VAL B 446 26.66 -31.63 9.13
CA VAL B 446 25.77 -30.99 8.14
C VAL B 446 24.65 -31.97 7.77
N GLU B 447 24.99 -33.27 7.59
CA GLU B 447 24.05 -34.34 7.25
C GLU B 447 23.07 -34.60 8.40
N HIS B 448 23.52 -34.44 9.66
CA HIS B 448 22.68 -34.62 10.86
C HIS B 448 21.59 -33.56 10.89
N GLU B 449 21.97 -32.32 10.48
CA GLU B 449 21.05 -31.19 10.37
C GLU B 449 20.04 -31.45 9.25
N VAL B 450 20.46 -32.14 8.16
CA VAL B 450 19.59 -32.48 7.03
C VAL B 450 18.47 -33.44 7.49
N THR B 451 18.85 -34.55 8.15
CA THR B 451 17.92 -35.57 8.66
C THR B 451 17.01 -35.05 9.78
N ARG B 452 17.46 -34.02 10.52
CA ARG B 452 16.72 -33.39 11.62
C ARG B 452 15.73 -32.29 11.21
N CYS B 453 16.10 -31.46 10.21
CA CYS B 453 15.27 -30.33 9.75
C CYS B 453 14.44 -30.59 8.50
N LEU B 454 14.85 -31.58 7.67
CA LEU B 454 14.17 -31.85 6.41
C LEU B 454 13.49 -33.21 6.40
N PRO B 455 12.13 -33.26 6.48
CA PRO B 455 11.44 -34.57 6.39
C PRO B 455 11.64 -35.24 5.03
N PRO B 456 11.72 -36.59 4.94
CA PRO B 456 11.92 -37.22 3.62
C PRO B 456 10.70 -37.11 2.69
N LEU B 457 10.96 -37.20 1.35
CA LEU B 457 9.94 -37.13 0.30
C LEU B 457 9.98 -38.40 -0.55
PA FAD C . -10.19 28.39 17.95
O1A FAD C . -9.65 27.61 19.10
O2A FAD C . -11.63 28.11 17.55
O5B FAD C . -9.99 29.96 18.27
C5B FAD C . -10.53 30.96 17.40
C4B FAD C . -10.69 32.21 18.23
O4B FAD C . -11.12 33.29 17.38
C3B FAD C . -11.71 32.12 19.38
O3B FAD C . -11.15 32.66 20.59
C2B FAD C . -12.90 32.91 18.85
O2B FAD C . -13.71 33.52 19.84
C1B FAD C . -12.19 33.97 17.99
N9A FAD C . -12.97 34.60 16.95
C8A FAD C . -13.87 34.02 16.09
N7A FAD C . -14.39 34.84 15.22
C5A FAD C . -13.80 36.06 15.52
C6A FAD C . -13.93 37.35 14.96
N6A FAD C . -14.73 37.63 13.93
N1A FAD C . -13.17 38.34 15.50
C2A FAD C . -12.37 38.07 16.53
N3A FAD C . -12.18 36.90 17.15
C4A FAD C . -12.93 35.92 16.59
N1 FAD C . -8.35 19.14 18.65
C2 FAD C . -7.36 18.38 19.25
O2 FAD C . -6.19 18.46 18.87
N3 FAD C . -7.70 17.43 20.19
C4 FAD C . -8.99 17.08 20.57
O4 FAD C . -9.19 16.16 21.36
C4X FAD C . -10.03 17.84 19.91
N5 FAD C . -11.27 17.55 20.18
C5X FAD C . -12.27 18.27 19.55
C6 FAD C . -13.60 17.91 19.78
C7 FAD C . -14.64 18.60 19.17
C7M FAD C . -16.05 18.14 19.43
C8 FAD C . -14.36 19.68 18.31
C8M FAD C . -15.47 20.47 17.67
C9 FAD C . -13.03 20.03 18.07
C9A FAD C . -11.98 19.34 18.67
N10 FAD C . -10.62 19.60 18.39
C10 FAD C . -9.62 18.88 18.98
C1' FAD C . -10.29 20.63 17.40
C2' FAD C . -9.87 21.93 18.10
O2' FAD C . -10.88 22.34 19.02
C3' FAD C . -9.62 23.05 17.09
O3' FAD C . -9.02 22.55 15.90
C4' FAD C . -8.81 24.22 17.65
O4' FAD C . -9.53 24.87 18.71
C5' FAD C . -8.43 25.21 16.58
O5' FAD C . -7.69 26.25 17.23
P FAD C . -7.80 27.68 16.55
O1P FAD C . -6.92 28.61 17.31
O2P FAD C . -7.42 27.64 15.08
O3P FAD C . -9.31 28.14 16.65
CL CL D . -9.77 17.39 16.06
C4 8EQ E . -9.50 12.40 20.31
C5 8EQ E . -7.65 11.21 19.93
C6 8EQ E . -8.59 9.35 18.58
C7 8EQ E . -8.70 8.28 19.66
C8 8EQ E . -8.56 6.88 19.12
C10 8EQ E . -11.11 11.33 18.86
CL 8EQ E . -13.67 12.18 18.68
C11 8EQ E . -12.05 12.26 19.31
C2 8EQ E . -11.73 13.24 20.25
O 8EQ E . -12.77 14.03 20.66
C1 8EQ E . -12.70 14.77 21.90
C 8EQ E . -14.04 15.42 22.06
C9 8EQ E . -9.83 11.43 19.38
C3 8EQ E . -10.44 13.31 20.76
N 8EQ E . -8.65 10.71 19.16
O2 8EQ E . -6.50 10.86 20.02
O1 8EQ E . -8.17 12.26 20.66
O4 8EQ E . -8.55 6.60 17.94
O3 8EQ E . -8.47 5.99 20.08
C4 8EQ F . -12.80 29.84 22.75
C5 8EQ F . -14.03 28.33 21.68
C6 8EQ F . -14.52 26.76 23.56
C7 8EQ F . -16.04 26.61 23.51
C8 8EQ F . -16.78 27.43 24.52
C10 8EQ F . -13.02 29.18 25.05
CL 8EQ F . -11.66 30.40 27.04
C11 8EQ F . -12.20 30.25 25.39
C2 8EQ F . -11.70 31.13 24.41
O 8EQ F . -10.94 32.18 24.87
C1 8EQ F . -10.43 33.15 23.92
C 8EQ F . -9.61 34.20 24.66
C9 8EQ F . -13.31 29.00 23.70
C3 8EQ F . -11.99 30.91 23.07
N 8EQ F . -14.08 28.06 23.02
O2 8EQ F . -14.58 27.77 20.76
O1 8EQ F . -13.24 29.44 21.50
O4 8EQ F . -17.75 28.11 24.25
O3 8EQ F . -16.27 27.34 25.73
C4 8EQ G . 3.78 -10.85 -0.05
C5 8EQ G . 4.53 -12.92 -0.36
C6 8EQ G . 3.99 -13.94 1.87
C7 8EQ G . 2.91 -14.91 1.42
C8 8EQ G . 2.04 -15.39 2.55
C10 8EQ G . 3.15 -10.88 2.29
CL 8EQ G . 2.20 -8.70 3.54
C11 8EQ G . 2.79 -9.55 2.15
C2 8EQ G . 2.88 -8.88 0.92
O 8EQ G . 2.37 -7.60 0.90
C1 8EQ G . 2.41 -6.80 -0.29
C 8EQ G . 1.76 -5.51 0.04
C9 8EQ G . 3.66 -11.52 1.16
C3 8EQ G . 3.39 -9.54 -0.19
N 8EQ G . 4.14 -12.81 0.94
O2 8EQ G . 5.02 -13.87 -0.94
O1 8EQ G . 4.30 -11.71 -0.98
O4 8EQ G . 0.89 -15.00 2.69
O3 8EQ G . 2.62 -16.27 3.34
C1 GOL H . -15.17 21.05 14.20
O1 GOL H . -15.45 22.31 14.82
C2 GOL H . -15.67 21.03 12.78
O2 GOL H . -15.48 19.73 12.20
C3 GOL H . -14.94 22.08 11.96
O3 GOL H . -15.63 22.32 10.73
PA FAD I . -0.23 -15.32 -22.63
O1A FAD I . 0.67 -16.38 -23.16
O2A FAD I . 0.31 -13.91 -22.60
O5B FAD I . -1.63 -15.36 -23.44
C5B FAD I . -2.65 -14.37 -23.23
C4B FAD I . -3.49 -14.34 -24.47
O4B FAD I . -4.61 -13.44 -24.28
C3B FAD I . -2.79 -13.87 -25.75
O3B FAD I . -3.07 -14.76 -26.82
C2B FAD I . -3.34 -12.45 -25.95
O2B FAD I . -3.39 -12.01 -27.29
C1B FAD I . -4.75 -12.61 -25.40
N9A FAD I . -5.41 -11.38 -24.98
C8A FAD I . -4.88 -10.33 -24.28
N7A FAD I . -5.76 -9.39 -23.98
C5A FAD I . -6.94 -9.87 -24.53
C6A FAD I . -8.25 -9.33 -24.57
N6A FAD I . -8.59 -8.16 -24.02
N1A FAD I . -9.21 -10.06 -25.19
C2A FAD I . -8.87 -11.23 -25.74
N3A FAD I . -7.67 -11.83 -25.76
C4A FAD I . -6.74 -11.09 -25.14
N1 FAD I . 7.88 -18.81 -19.12
C2 FAD I . 8.46 -20.07 -19.01
O2 FAD I . 7.94 -20.97 -18.36
N3 FAD I . 9.72 -20.30 -19.57
C4 FAD I . 10.52 -19.33 -20.18
O4 FAD I . 11.65 -19.61 -20.56
C4X FAD I . 9.92 -18.00 -20.25
N5 FAD I . 10.64 -17.03 -20.76
C5X FAD I . 10.09 -15.76 -20.79
C6 FAD I . 10.89 -14.70 -21.23
C7 FAD I . 10.43 -13.39 -21.26
C7M FAD I . 11.38 -12.27 -21.67
C8 FAD I . 9.09 -13.13 -20.87
C8M FAD I . 8.51 -11.73 -20.96
C9 FAD I . 8.30 -14.18 -20.41
C9A FAD I . 8.80 -15.49 -20.34
N10 FAD I . 8.05 -16.58 -19.78
C10 FAD I . 8.59 -17.84 -19.70
C1' FAD I . 6.72 -16.32 -19.20
C2' FAD I . 5.62 -16.76 -20.17
O2' FAD I . 5.83 -16.18 -21.45
C3' FAD I . 4.22 -16.40 -19.65
O3' FAD I . 4.14 -16.58 -18.23
C4' FAD I . 3.09 -17.16 -20.34
O4' FAD I . 3.03 -16.81 -21.73
C5' FAD I . 1.76 -16.92 -19.67
O5' FAD I . 0.79 -17.67 -20.41
P FAD I . -0.70 -17.07 -20.39
O1P FAD I . -1.57 -18.00 -21.15
O2P FAD I . -1.19 -16.85 -19.00
O3P FAD I . -0.64 -15.66 -21.13
CL CL J . 9.09 -16.79 -16.62
C4 8EQ K . 14.86 -19.28 -18.24
C5 8EQ K . 15.12 -21.18 -17.12
C6 8EQ K . 16.49 -20.40 -15.19
C7 8EQ K . 17.92 -20.76 -15.55
C8 8EQ K . 18.84 -20.91 -14.36
C10 8EQ K . 15.90 -17.67 -16.78
CL 8EQ K . 16.17 -15.07 -17.46
C11 8EQ K . 15.61 -16.70 -17.73
C2 8EQ K . 14.93 -17.00 -18.91
O 8EQ K . 14.62 -15.93 -19.72
C1 8EQ K . 14.63 -16.08 -21.14
C 8EQ K . 14.33 -14.76 -21.73
C9 8EQ K . 15.52 -18.97 -17.06
C3 8EQ K . 14.56 -18.32 -19.17
N 8EQ K . 15.65 -20.18 -16.38
O2 8EQ K . 15.14 -22.37 -16.92
O1 8EQ K . 14.60 -20.63 -18.28
O4 8EQ K . 19.99 -21.43 -14.68
O3 8EQ K . 18.56 -20.56 -13.24
C4 8EQ L . 0.60 -14.50 -28.14
C5 8EQ L . 2.01 -13.18 -27.01
C6 8EQ L . 4.13 -13.69 -28.19
C7 8EQ L . 4.67 -12.31 -28.56
C8 8EQ L . 4.45 -11.94 -29.99
C10 8EQ L . 1.96 -15.29 -29.96
CL 8EQ L . 1.10 -17.18 -31.67
C11 8EQ L . 0.87 -16.04 -30.38
C2 8EQ L . -0.37 -15.98 -29.73
O 8EQ L . -1.41 -16.68 -30.29
C1 8EQ L . -2.72 -16.62 -29.69
C 8EQ L . -3.67 -17.50 -30.46
C9 8EQ L . 1.81 -14.54 -28.81
C3 8EQ L . -0.50 -15.21 -28.57
N 8EQ L . 2.66 -13.70 -28.09
O2 8EQ L . 2.40 -12.43 -26.15
O1 8EQ L . 0.71 -13.67 -27.04
O4 8EQ L . 4.76 -12.89 -30.84
O3 8EQ L . 4.03 -10.84 -30.33
C1 GOL M . 7.16 -10.48 -17.87
O1 GOL M . 6.19 -10.50 -18.91
C2 GOL M . 6.83 -9.44 -16.83
O2 GOL M . 7.78 -9.52 -15.77
C3 GOL M . 5.44 -9.63 -16.28
O3 GOL M . 5.04 -8.52 -15.47
#